data_8COB
#
_entry.id   8COB
#
_cell.length_a   67.694
_cell.length_b   109.082
_cell.length_c   139.396
_cell.angle_alpha   90.000
_cell.angle_beta   90.000
_cell.angle_gamma   90.000
#
_symmetry.space_group_name_H-M   'P 21 21 21'
#
loop_
_entity.id
_entity.type
_entity.pdbx_description
1 polymer 'Proliferating cell nuclear antigen'
2 polymer 'DNA excision repair protein ERCC-6-like 2'
3 water water
#
loop_
_entity_poly.entity_id
_entity_poly.type
_entity_poly.pdbx_seq_one_letter_code
_entity_poly.pdbx_strand_id
1 'polypeptide(L)'
;MFEARLVQGSILKKVLEALKDLINEACWDISSSGVNLQSMDSSHVSLVQLTLRSEGFDTYRCDRNLAMGVNLTSMSKILK
CAGNEDIITLRAEDNADTLALVFEAPNQEKVSDYEMKLMDLDVEQLGIPEQEYSCVVKMPSGEFARICRDLSHIGDAVVI
SCAKDGVKFSASGELGNGNIKLSQTSNVDKEEEAVTIEMNEPVQLTFALRYLNFFTKATPLSSTVTLSMSADVPLVVEYK
IADMGHLKYYLAPKIEDEEGS
;
A,C,E
2 'polypeptide(L)' SSPGQLTLLQCGFSK B,D,F
#
# COMPACT_ATOMS: atom_id res chain seq x y z
N MET A 1 -11.83 -26.99 -32.62
CA MET A 1 -11.99 -27.24 -31.18
C MET A 1 -10.64 -27.29 -30.47
N PHE A 2 -10.40 -26.30 -29.61
CA PHE A 2 -9.23 -26.24 -28.76
C PHE A 2 -9.68 -26.16 -27.31
N GLU A 3 -9.05 -26.93 -26.43
CA GLU A 3 -9.42 -26.92 -25.02
C GLU A 3 -8.25 -27.39 -24.17
N ALA A 4 -7.87 -26.57 -23.19
CA ALA A 4 -6.74 -26.85 -22.31
C ALA A 4 -7.09 -26.48 -20.88
N ARG A 5 -6.99 -27.45 -19.96
CA ARG A 5 -7.31 -27.27 -18.55
C ARG A 5 -6.03 -27.21 -17.71
N LEU A 6 -5.91 -26.17 -16.88
CA LEU A 6 -4.71 -25.91 -16.08
C LEU A 6 -5.11 -25.86 -14.61
N VAL A 7 -4.64 -26.82 -13.81
CA VAL A 7 -5.08 -26.91 -12.42
C VAL A 7 -4.57 -25.73 -11.60
N GLN A 8 -3.26 -25.51 -11.59
CA GLN A 8 -2.69 -24.40 -10.82
C GLN A 8 -2.71 -23.15 -11.69
N GLY A 9 -3.93 -22.67 -11.95
CA GLY A 9 -4.19 -21.54 -12.82
C GLY A 9 -3.36 -20.28 -12.61
N SER A 10 -2.79 -20.11 -11.42
CA SER A 10 -1.95 -18.95 -11.14
C SER A 10 -0.83 -18.77 -12.16
N ILE A 11 -0.44 -19.83 -12.85
CA ILE A 11 0.62 -19.75 -13.85
C ILE A 11 0.27 -18.70 -14.91
N LEU A 12 -0.96 -18.77 -15.44
CA LEU A 12 -1.35 -17.84 -16.50
C LEU A 12 -1.31 -16.40 -16.03
N LYS A 13 -1.86 -16.14 -14.83
CA LYS A 13 -1.81 -14.78 -14.30
C LYS A 13 -0.38 -14.28 -14.24
N LYS A 14 0.53 -15.12 -13.76
CA LYS A 14 1.92 -14.71 -13.65
C LYS A 14 2.53 -14.49 -15.03
N VAL A 15 2.19 -15.35 -16.00
CA VAL A 15 2.73 -15.25 -17.36
C VAL A 15 2.33 -13.94 -18.02
N LEU A 16 1.04 -13.59 -17.95
CA LEU A 16 0.61 -12.33 -18.55
C LEU A 16 1.15 -11.13 -17.81
N GLU A 17 1.21 -11.22 -16.48
CA GLU A 17 1.85 -10.16 -15.72
C GLU A 17 3.29 -9.96 -16.16
N ALA A 18 3.92 -11.00 -16.71
CA ALA A 18 5.27 -10.90 -17.22
C ALA A 18 5.34 -10.34 -18.65
N LEU A 19 4.22 -10.31 -19.36
CA LEU A 19 4.23 -9.87 -20.75
C LEU A 19 3.63 -8.48 -20.98
N LYS A 20 2.61 -8.09 -20.20
CA LYS A 20 1.79 -6.93 -20.53
C LYS A 20 2.62 -5.65 -20.65
N ASP A 21 3.62 -5.46 -19.79
CA ASP A 21 4.36 -4.20 -19.78
C ASP A 21 5.35 -4.09 -20.93
N LEU A 22 5.75 -5.21 -21.51
CA LEU A 22 6.74 -5.25 -22.57
C LEU A 22 6.13 -5.36 -23.95
N ILE A 23 5.06 -6.11 -24.09
CA ILE A 23 4.43 -6.37 -25.37
C ILE A 23 2.98 -5.96 -25.23
N ASN A 24 2.56 -4.95 -25.99
CA ASN A 24 1.19 -4.52 -25.81
C ASN A 24 0.21 -5.48 -26.45
N GLU A 25 0.63 -6.17 -27.52
CA GLU A 25 -0.23 -7.04 -28.34
C GLU A 25 0.64 -8.14 -28.93
N ALA A 26 0.16 -9.38 -28.91
CA ALA A 26 0.97 -10.49 -29.40
C ALA A 26 0.08 -11.61 -29.92
N CYS A 27 0.72 -12.58 -30.59
CA CYS A 27 0.05 -13.66 -31.32
C CYS A 27 0.45 -15.01 -30.76
N TRP A 28 -0.55 -15.75 -30.26
CA TRP A 28 -0.36 -17.06 -29.63
C TRP A 28 -0.46 -18.17 -30.68
N ASP A 29 0.62 -18.94 -30.81
CA ASP A 29 0.64 -20.10 -31.71
C ASP A 29 0.27 -21.37 -30.93
N ILE A 30 -0.96 -21.87 -31.16
CA ILE A 30 -1.44 -23.12 -30.56
C ILE A 30 -1.18 -24.28 -31.51
N SER A 31 -0.75 -25.41 -30.97
CA SER A 31 -0.54 -26.62 -31.75
C SER A 31 -0.74 -27.82 -30.85
N SER A 32 -0.54 -29.02 -31.43
CA SER A 32 -0.68 -30.24 -30.65
C SER A 32 0.40 -30.35 -29.58
N SER A 33 1.56 -29.72 -29.79
CA SER A 33 2.65 -29.80 -28.84
C SER A 33 2.53 -28.80 -27.70
N GLY A 34 1.76 -27.73 -27.88
CA GLY A 34 1.52 -26.80 -26.79
C GLY A 34 1.37 -25.38 -27.31
N VAL A 35 1.58 -24.44 -26.38
CA VAL A 35 1.43 -23.01 -26.64
C VAL A 35 2.79 -22.35 -26.76
N ASN A 36 2.86 -21.32 -27.59
CA ASN A 36 4.10 -20.65 -27.93
C ASN A 36 3.78 -19.22 -28.32
N LEU A 37 4.57 -18.28 -27.81
CA LEU A 37 4.37 -16.87 -28.08
C LEU A 37 5.73 -16.23 -28.30
N GLN A 38 5.85 -15.50 -29.40
CA GLN A 38 7.07 -14.77 -29.71
C GLN A 38 6.69 -13.38 -30.19
N SER A 39 7.47 -12.38 -29.77
CA SER A 39 7.23 -11.01 -30.18
C SER A 39 8.45 -10.19 -29.82
N MET A 40 8.80 -9.25 -30.68
CA MET A 40 9.73 -8.21 -30.29
C MET A 40 8.95 -7.05 -29.69
N ASP A 41 9.63 -6.27 -28.86
CA ASP A 41 8.99 -5.07 -28.37
C ASP A 41 8.91 -4.07 -29.53
N SER A 42 8.29 -2.92 -29.29
CA SER A 42 8.09 -1.96 -30.37
C SER A 42 9.41 -1.50 -30.95
N SER A 43 10.43 -1.31 -30.12
CA SER A 43 11.68 -0.73 -30.56
C SER A 43 12.68 -1.74 -31.09
N HIS A 44 12.30 -3.03 -31.15
CA HIS A 44 13.13 -4.12 -31.66
C HIS A 44 14.40 -4.31 -30.84
N VAL A 45 14.37 -3.92 -29.57
CA VAL A 45 15.54 -4.01 -28.71
C VAL A 45 15.48 -5.25 -27.82
N SER A 46 14.30 -5.78 -27.55
CA SER A 46 14.16 -7.00 -26.77
C SER A 46 13.19 -7.93 -27.48
N LEU A 47 13.21 -9.19 -27.04
CA LEU A 47 12.35 -10.23 -27.57
C LEU A 47 11.96 -11.15 -26.43
N VAL A 48 10.70 -11.56 -26.40
CA VAL A 48 10.23 -12.51 -25.40
C VAL A 48 9.71 -13.75 -26.10
N GLN A 49 10.07 -14.91 -25.57
CA GLN A 49 9.69 -16.20 -26.12
C GLN A 49 9.08 -17.02 -25.00
N LEU A 50 7.82 -17.42 -25.18
CA LEU A 50 7.07 -18.19 -24.19
C LEU A 50 6.81 -19.59 -24.71
N THR A 51 6.97 -20.58 -23.84
CA THR A 51 6.74 -21.99 -24.18
C THR A 51 5.93 -22.63 -23.07
N LEU A 52 4.79 -23.21 -23.42
CA LEU A 52 3.96 -23.97 -22.49
C LEU A 52 3.64 -25.31 -23.17
N ARG A 53 4.30 -26.38 -22.72
CA ARG A 53 4.11 -27.69 -23.31
C ARG A 53 2.73 -28.26 -22.97
N SER A 54 2.12 -28.93 -23.94
CA SER A 54 0.77 -29.49 -23.75
C SER A 54 0.71 -30.45 -22.58
N GLU A 55 1.84 -31.12 -22.30
CA GLU A 55 1.93 -32.08 -21.21
C GLU A 55 1.74 -31.43 -19.84
N GLY A 56 2.00 -30.13 -19.72
CA GLY A 56 1.84 -29.44 -18.45
C GLY A 56 0.40 -29.16 -18.04
N PHE A 57 -0.55 -29.36 -18.93
CA PHE A 57 -1.95 -29.20 -18.57
C PHE A 57 -2.54 -30.54 -18.13
N ASP A 58 -3.78 -30.48 -17.64
CA ASP A 58 -4.48 -31.65 -17.15
C ASP A 58 -5.58 -32.11 -18.09
N THR A 59 -5.95 -31.27 -19.05
CA THR A 59 -6.68 -31.66 -20.24
C THR A 59 -6.06 -30.90 -21.39
N TYR A 60 -5.89 -31.57 -22.53
CA TYR A 60 -5.37 -30.87 -23.69
C TYR A 60 -5.88 -31.54 -24.96
N ARG A 61 -6.50 -30.74 -25.82
N ARG A 61 -6.52 -30.75 -25.81
CA ARG A 61 -6.98 -31.21 -27.11
CA ARG A 61 -6.97 -31.20 -27.12
C ARG A 61 -6.88 -30.05 -28.09
C ARG A 61 -6.86 -30.03 -28.07
N CYS A 62 -6.07 -30.21 -29.12
CA CYS A 62 -5.95 -29.22 -30.19
C CYS A 62 -5.86 -30.02 -31.48
N ASP A 63 -7.00 -30.19 -32.15
CA ASP A 63 -7.03 -31.04 -33.33
C ASP A 63 -6.24 -30.43 -34.48
N ARG A 64 -6.13 -29.10 -34.53
CA ARG A 64 -5.36 -28.45 -35.58
C ARG A 64 -4.90 -27.08 -35.08
N ASN A 65 -3.83 -26.58 -35.71
CA ASN A 65 -3.04 -25.45 -35.22
C ASN A 65 -3.79 -24.13 -35.34
N LEU A 66 -3.61 -23.24 -34.36
CA LEU A 66 -4.23 -21.93 -34.36
C LEU A 66 -3.20 -20.80 -34.30
N ALA A 67 -3.69 -19.57 -34.57
CA ALA A 67 -2.90 -18.33 -34.53
C ALA A 67 -3.82 -17.21 -34.04
N MET A 68 -3.82 -16.97 -32.73
CA MET A 68 -4.68 -15.99 -32.08
C MET A 68 -3.96 -14.67 -31.82
N GLY A 69 -4.47 -13.59 -32.41
CA GLY A 69 -3.97 -12.27 -32.06
C GLY A 69 -4.67 -11.71 -30.85
N VAL A 70 -3.93 -11.42 -29.78
CA VAL A 70 -4.52 -11.00 -28.51
C VAL A 70 -3.89 -9.70 -28.07
N ASN A 71 -4.72 -8.74 -27.67
CA ASN A 71 -4.27 -7.59 -26.89
C ASN A 71 -3.90 -8.09 -25.50
N LEU A 72 -2.61 -8.13 -25.19
CA LEU A 72 -2.17 -8.71 -23.92
C LEU A 72 -2.69 -7.89 -22.74
N THR A 73 -2.72 -6.56 -22.88
CA THR A 73 -3.26 -5.76 -21.79
C THR A 73 -4.73 -6.11 -21.54
N SER A 74 -5.50 -6.29 -22.61
CA SER A 74 -6.89 -6.70 -22.45
C SER A 74 -6.98 -8.04 -21.76
N MET A 75 -6.11 -8.97 -22.15
CA MET A 75 -6.16 -10.30 -21.56
C MET A 75 -5.70 -10.29 -20.11
N SER A 76 -4.69 -9.49 -19.79
CA SER A 76 -4.27 -9.34 -18.39
C SER A 76 -5.41 -8.85 -17.53
N LYS A 77 -6.21 -7.90 -18.04
CA LYS A 77 -7.24 -7.24 -17.22
C LYS A 77 -8.23 -8.30 -16.78
N ILE A 78 -8.54 -9.24 -17.68
CA ILE A 78 -9.48 -10.33 -17.46
C ILE A 78 -8.95 -11.36 -16.48
N LEU A 79 -7.68 -11.73 -16.62
CA LEU A 79 -7.10 -12.75 -15.73
C LEU A 79 -6.97 -12.28 -14.29
N LYS A 80 -6.96 -10.97 -14.02
CA LYS A 80 -7.00 -10.55 -12.63
C LYS A 80 -8.35 -10.84 -11.97
N CYS A 81 -9.38 -11.18 -12.77
CA CYS A 81 -10.67 -11.62 -12.25
C CYS A 81 -10.65 -13.07 -11.79
N ALA A 82 -9.56 -13.80 -12.02
CA ALA A 82 -9.43 -15.18 -11.55
C ALA A 82 -8.73 -15.21 -10.19
N GLY A 83 -9.21 -16.08 -9.31
CA GLY A 83 -8.54 -16.28 -8.04
C GLY A 83 -7.19 -16.95 -8.24
N ASN A 84 -6.39 -16.95 -7.18
CA ASN A 84 -5.02 -17.43 -7.31
C ASN A 84 -4.94 -18.96 -7.30
N GLU A 85 -5.84 -19.64 -6.59
CA GLU A 85 -5.86 -21.10 -6.56
C GLU A 85 -6.95 -21.70 -7.45
N ASP A 86 -7.45 -20.95 -8.42
CA ASP A 86 -8.52 -21.39 -9.30
C ASP A 86 -8.00 -22.18 -10.49
N ILE A 87 -8.88 -22.99 -11.07
CA ILE A 87 -8.58 -23.83 -12.23
C ILE A 87 -9.12 -23.15 -13.48
N ILE A 88 -8.28 -23.08 -14.51
CA ILE A 88 -8.54 -22.25 -15.68
C ILE A 88 -8.65 -23.14 -16.91
N THR A 89 -9.73 -22.93 -17.67
CA THR A 89 -9.94 -23.60 -18.95
C THR A 89 -9.91 -22.55 -20.04
N LEU A 90 -9.07 -22.76 -21.05
CA LEU A 90 -9.11 -21.97 -22.27
C LEU A 90 -9.80 -22.79 -23.34
N ARG A 91 -10.76 -22.18 -24.03
CA ARG A 91 -11.54 -22.85 -25.05
CA ARG A 91 -11.54 -22.85 -25.05
C ARG A 91 -11.62 -21.98 -26.29
N ALA A 92 -11.42 -22.60 -27.45
CA ALA A 92 -11.50 -21.90 -28.72
C ALA A 92 -11.85 -22.89 -29.83
N ASP A 97 -13.24 -16.43 -33.54
CA ASP A 97 -12.85 -15.03 -33.40
C ASP A 97 -13.04 -14.54 -31.96
N THR A 98 -13.38 -15.47 -31.07
CA THR A 98 -13.49 -15.21 -29.64
C THR A 98 -12.63 -16.23 -28.90
N LEU A 99 -12.04 -15.80 -27.78
CA LEU A 99 -11.29 -16.71 -26.91
C LEU A 99 -11.96 -16.76 -25.55
N ALA A 100 -12.52 -17.92 -25.21
CA ALA A 100 -13.18 -18.12 -23.93
C ALA A 100 -12.16 -18.48 -22.84
N LEU A 101 -12.43 -18.00 -21.63
CA LEU A 101 -11.67 -18.34 -20.43
C LEU A 101 -12.65 -18.73 -19.33
N VAL A 102 -12.46 -19.89 -18.71
CA VAL A 102 -13.39 -20.41 -17.71
C VAL A 102 -12.66 -20.61 -16.39
N PHE A 103 -13.20 -20.01 -15.32
CA PHE A 103 -12.58 -19.98 -13.99
C PHE A 103 -13.38 -20.85 -13.02
N GLU A 104 -12.81 -21.99 -12.62
CA GLU A 104 -13.43 -22.87 -11.64
C GLU A 104 -12.83 -22.62 -10.26
N ALA A 105 -13.65 -22.17 -9.31
CA ALA A 105 -13.25 -22.11 -7.92
C ALA A 105 -12.83 -23.50 -7.42
N PRO A 106 -11.88 -23.57 -6.49
N PRO A 106 -12.09 -23.55 -6.30
CA PRO A 106 -11.26 -24.86 -6.17
CA PRO A 106 -11.84 -24.84 -5.62
C PRO A 106 -12.22 -25.88 -5.57
C PRO A 106 -13.07 -25.75 -5.51
N ASN A 107 -12.91 -25.48 -4.51
N ASN A 107 -14.15 -25.25 -4.93
CA ASN A 107 -13.88 -26.34 -3.86
CA ASN A 107 -15.32 -26.09 -4.67
C ASN A 107 -15.28 -25.76 -3.82
C ASN A 107 -16.15 -26.39 -5.91
N GLN A 108 -15.44 -24.47 -4.10
N GLN A 108 -15.82 -25.77 -7.06
CA GLN A 108 -16.74 -23.81 -3.98
CA GLN A 108 -16.57 -25.91 -8.30
C GLN A 108 -17.63 -24.17 -5.17
C GLN A 108 -18.03 -25.48 -8.16
N GLU A 109 -18.78 -23.50 -5.26
N GLU A 109 -18.32 -24.62 -7.18
CA GLU A 109 -19.75 -23.71 -6.32
CA GLU A 109 -19.65 -24.06 -7.01
C GLU A 109 -19.80 -22.50 -7.25
C GLU A 109 -19.76 -22.62 -7.48
N LYS A 110 -18.65 -21.88 -7.49
CA LYS A 110 -18.54 -20.65 -8.26
C LYS A 110 -17.76 -20.92 -9.53
N VAL A 111 -18.32 -20.53 -10.67
CA VAL A 111 -17.68 -20.74 -11.97
C VAL A 111 -17.89 -19.49 -12.82
N SER A 112 -16.85 -19.10 -13.55
CA SER A 112 -16.86 -17.86 -14.29
C SER A 112 -16.53 -18.13 -15.75
N ASP A 113 -17.12 -17.32 -16.64
CA ASP A 113 -16.98 -17.52 -18.07
C ASP A 113 -16.80 -16.17 -18.74
N TYR A 114 -15.65 -15.98 -19.39
CA TYR A 114 -15.33 -14.73 -20.11
C TYR A 114 -15.00 -15.03 -21.58
N GLU A 115 -15.57 -14.23 -22.48
CA GLU A 115 -15.31 -14.32 -23.91
C GLU A 115 -14.52 -13.09 -24.30
N MET A 116 -13.28 -13.29 -24.76
CA MET A 116 -12.37 -12.20 -25.13
C MET A 116 -12.36 -12.00 -26.64
N LYS A 117 -12.43 -10.74 -27.07
CA LYS A 117 -12.31 -10.43 -28.48
C LYS A 117 -10.86 -10.64 -28.92
N LEU A 118 -10.68 -11.11 -30.13
CA LEU A 118 -9.35 -11.26 -30.67
C LEU A 118 -9.02 -10.13 -31.64
N MET A 119 -7.77 -10.15 -32.10
CA MET A 119 -7.29 -9.17 -33.07
C MET A 119 -6.85 -9.89 -34.33
N ASP A 120 -7.21 -9.32 -35.47
CA ASP A 120 -6.66 -9.74 -36.74
CA ASP A 120 -6.66 -9.74 -36.74
C ASP A 120 -5.31 -9.05 -36.89
N LEU A 121 -4.24 -9.77 -36.60
CA LEU A 121 -2.91 -9.23 -36.84
C LEU A 121 -1.95 -10.38 -37.17
N ASP A 122 -0.90 -10.04 -37.90
CA ASP A 122 -0.03 -11.03 -38.52
C ASP A 122 0.96 -11.65 -37.54
N VAL A 123 0.99 -12.99 -37.56
CA VAL A 123 1.97 -13.78 -36.82
C VAL A 123 3.38 -13.48 -37.35
N GLU A 124 4.32 -13.27 -36.44
CA GLU A 124 5.71 -13.00 -36.79
C GLU A 124 6.52 -14.30 -36.81
N GLN A 125 7.43 -14.39 -37.77
CA GLN A 125 8.40 -15.48 -37.86
C GLN A 125 9.78 -14.85 -37.69
N LEU A 126 10.23 -14.77 -36.44
CA LEU A 126 11.49 -14.10 -36.14
C LEU A 126 12.63 -15.10 -36.20
N GLY A 127 13.70 -14.72 -36.90
CA GLY A 127 14.86 -15.57 -36.97
C GLY A 127 15.82 -15.30 -35.83
N ILE A 128 15.95 -16.26 -34.94
CA ILE A 128 16.96 -16.22 -33.88
C ILE A 128 18.17 -17.00 -34.35
N PRO A 129 19.35 -16.38 -34.44
CA PRO A 129 20.55 -17.11 -34.83
C PRO A 129 20.99 -18.08 -33.74
N GLU A 130 21.81 -19.05 -34.14
CA GLU A 130 22.28 -20.02 -33.18
C GLU A 130 23.50 -19.45 -32.46
N GLN A 131 23.54 -19.69 -31.16
CA GLN A 131 24.48 -19.04 -30.27
C GLN A 131 24.59 -19.95 -29.05
N GLU A 132 25.78 -20.04 -28.49
CA GLU A 132 25.87 -20.34 -27.07
C GLU A 132 27.01 -19.48 -26.53
N TYR A 133 27.10 -19.44 -25.21
CA TYR A 133 27.47 -18.24 -24.49
C TYR A 133 28.75 -18.44 -23.69
N SER A 134 29.59 -17.39 -23.68
CA SER A 134 30.83 -17.43 -22.90
C SER A 134 30.52 -17.63 -21.42
N CYS A 135 29.61 -16.80 -20.89
CA CYS A 135 29.22 -16.84 -19.49
C CYS A 135 27.77 -17.26 -19.35
N VAL A 136 27.53 -18.16 -18.40
CA VAL A 136 26.17 -18.51 -18.00
C VAL A 136 26.14 -18.39 -16.48
N VAL A 137 25.22 -17.57 -15.97
CA VAL A 137 25.10 -17.31 -14.55
C VAL A 137 23.71 -17.77 -14.12
N LYS A 138 23.68 -18.59 -13.07
CA LYS A 138 22.43 -19.07 -12.49
C LYS A 138 22.39 -18.61 -11.05
N MET A 139 21.26 -18.03 -10.64
CA MET A 139 21.17 -17.32 -9.38
C MET A 139 19.70 -17.17 -9.00
N PRO A 140 19.40 -16.88 -7.73
CA PRO A 140 17.99 -16.71 -7.33
C PRO A 140 17.35 -15.55 -8.06
N SER A 141 16.11 -15.78 -8.53
CA SER A 141 15.38 -14.73 -9.22
C SER A 141 15.15 -13.51 -8.34
N GLY A 142 15.07 -13.70 -7.02
CA GLY A 142 14.87 -12.57 -6.14
C GLY A 142 16.07 -11.64 -6.08
N GLU A 143 17.28 -12.20 -5.94
CA GLU A 143 18.43 -11.33 -5.84
CA GLU A 143 18.50 -11.41 -5.87
C GLU A 143 18.72 -10.60 -7.14
N PHE A 144 18.42 -11.20 -8.30
CA PHE A 144 18.62 -10.53 -9.56
C PHE A 144 17.60 -9.41 -9.77
N ALA A 145 16.35 -9.63 -9.34
CA ALA A 145 15.39 -8.54 -9.37
C ALA A 145 15.90 -7.37 -8.53
N ARG A 146 16.39 -7.66 -7.32
CA ARG A 146 16.82 -6.60 -6.43
C ARG A 146 18.05 -5.87 -6.98
N ILE A 147 18.98 -6.62 -7.58
CA ILE A 147 20.14 -6.00 -8.20
C ILE A 147 19.72 -4.97 -9.24
N CYS A 148 18.78 -5.33 -10.12
CA CYS A 148 18.33 -4.40 -11.15
C CYS A 148 17.59 -3.21 -10.55
N ARG A 149 16.76 -3.44 -9.54
CA ARG A 149 16.00 -2.34 -8.95
C ARG A 149 16.93 -1.38 -8.22
N ASP A 150 17.92 -1.91 -7.50
CA ASP A 150 18.81 -1.03 -6.76
C ASP A 150 19.62 -0.16 -7.71
N LEU A 151 20.27 -0.77 -8.70
CA LEU A 151 21.09 0.01 -9.62
C LEU A 151 20.26 0.95 -10.48
N SER A 152 18.96 0.71 -10.62
CA SER A 152 18.15 1.65 -11.39
C SER A 152 17.94 2.96 -10.67
N HIS A 153 18.13 2.98 -9.34
CA HIS A 153 18.14 4.22 -8.58
C HIS A 153 19.44 4.99 -8.74
N ILE A 154 20.40 4.48 -9.51
CA ILE A 154 21.70 5.11 -9.67
C ILE A 154 21.94 5.54 -11.11
N GLY A 155 21.61 4.69 -12.08
CA GLY A 155 21.85 5.01 -13.47
C GLY A 155 20.81 4.32 -14.32
N ASP A 156 20.84 4.63 -15.62
CA ASP A 156 19.93 4.04 -16.58
CA ASP A 156 19.91 4.02 -16.55
C ASP A 156 20.50 2.80 -17.27
N ALA A 157 21.78 2.50 -17.04
CA ALA A 157 22.46 1.40 -17.71
C ALA A 157 23.37 0.68 -16.73
N VAL A 158 23.47 -0.64 -16.92
CA VAL A 158 24.26 -1.50 -16.03
C VAL A 158 25.35 -2.18 -16.84
N VAL A 159 26.56 -2.16 -16.29
CA VAL A 159 27.71 -2.83 -16.89
C VAL A 159 27.89 -4.15 -16.16
N ILE A 160 27.80 -5.25 -16.91
CA ILE A 160 27.94 -6.60 -16.37
C ILE A 160 29.32 -7.10 -16.75
N SER A 161 30.18 -7.37 -15.75
CA SER A 161 31.51 -7.92 -15.98
C SER A 161 31.57 -9.31 -15.37
N CYS A 162 31.59 -10.31 -16.24
CA CYS A 162 31.74 -11.71 -15.85
C CYS A 162 33.20 -12.13 -15.94
N ALA A 163 33.76 -12.51 -14.79
CA ALA A 163 35.03 -13.23 -14.70
C ALA A 163 34.75 -14.62 -14.13
N LYS A 164 35.80 -15.39 -13.84
CA LYS A 164 35.57 -16.81 -13.57
C LYS A 164 35.00 -17.03 -12.17
N ASP A 165 35.39 -16.19 -11.19
CA ASP A 165 34.99 -16.38 -9.81
C ASP A 165 33.94 -15.39 -9.34
N GLY A 166 33.47 -14.52 -10.22
CA GLY A 166 32.59 -13.48 -9.78
C GLY A 166 32.03 -12.70 -10.94
N VAL A 167 30.90 -12.07 -10.66
CA VAL A 167 30.21 -11.22 -11.61
C VAL A 167 30.00 -9.87 -10.96
N LYS A 168 30.18 -8.81 -11.75
CA LYS A 168 30.05 -7.47 -11.21
C LYS A 168 28.97 -6.71 -11.99
N PHE A 169 28.10 -6.03 -11.25
CA PHE A 169 27.07 -5.17 -11.84
C PHE A 169 27.38 -3.73 -11.45
N SER A 170 27.50 -2.85 -12.44
CA SER A 170 27.86 -1.45 -12.21
C SER A 170 26.86 -0.51 -12.87
N ALA A 171 26.63 0.62 -12.21
CA ALA A 171 25.83 1.70 -12.78
C ALA A 171 26.44 3.00 -12.30
N SER A 172 26.11 4.08 -13.01
CA SER A 172 26.57 5.38 -12.57
C SER A 172 25.56 6.44 -12.99
N GLY A 173 25.46 7.48 -12.20
CA GLY A 173 24.52 8.53 -12.51
C GLY A 173 24.79 9.80 -11.76
N GLU A 174 23.77 10.66 -11.76
CA GLU A 174 23.84 11.98 -11.13
CA GLU A 174 23.91 11.98 -11.15
C GLU A 174 24.37 11.90 -9.70
N LEU A 175 23.80 11.00 -8.91
CA LEU A 175 24.05 10.99 -7.48
C LEU A 175 25.22 10.10 -7.06
N GLY A 176 25.96 9.55 -8.02
CA GLY A 176 27.12 8.73 -7.68
C GLY A 176 27.25 7.52 -8.58
N ASN A 177 27.89 6.46 -8.08
CA ASN A 177 27.94 5.21 -8.84
C ASN A 177 27.96 4.04 -7.86
N GLY A 178 27.51 2.90 -8.33
CA GLY A 178 27.39 1.73 -7.48
C GLY A 178 27.89 0.49 -8.20
N ASN A 179 28.31 -0.48 -7.39
CA ASN A 179 28.75 -1.76 -7.90
C ASN A 179 28.19 -2.84 -7.00
N ILE A 180 27.85 -3.98 -7.59
CA ILE A 180 27.44 -5.15 -6.84
C ILE A 180 28.28 -6.31 -7.35
N LYS A 181 28.98 -6.97 -6.43
CA LYS A 181 29.85 -8.08 -6.75
C LYS A 181 29.19 -9.34 -6.21
N LEU A 182 28.88 -10.28 -7.10
CA LEU A 182 28.42 -11.61 -6.71
C LEU A 182 29.54 -12.63 -6.87
N SER A 183 29.76 -13.43 -5.82
CA SER A 183 30.69 -14.55 -5.83
C SER A 183 29.94 -15.86 -6.06
N GLN A 184 30.69 -16.86 -6.55
CA GLN A 184 30.17 -18.22 -6.54
C GLN A 184 29.87 -18.67 -5.13
N THR A 185 28.72 -19.32 -4.96
CA THR A 185 28.34 -19.88 -3.67
C THR A 185 29.07 -21.20 -3.41
N SER A 186 28.94 -21.69 -2.19
CA SER A 186 29.24 -23.07 -1.81
C SER A 186 28.95 -23.26 -0.33
N GLU A 191 22.24 -26.18 -2.44
CA GLU A 191 20.92 -25.77 -1.98
C GLU A 191 20.09 -25.36 -3.19
N GLU A 192 18.94 -24.73 -2.94
CA GLU A 192 18.21 -24.04 -3.99
C GLU A 192 18.72 -22.62 -4.21
N GLU A 193 19.41 -22.06 -3.22
CA GLU A 193 19.79 -20.66 -3.18
C GLU A 193 21.21 -20.42 -3.71
N ALA A 194 21.69 -21.24 -4.64
CA ALA A 194 23.06 -21.09 -5.09
C ALA A 194 23.19 -20.05 -6.20
N VAL A 195 24.43 -19.60 -6.39
CA VAL A 195 24.81 -18.72 -7.48
C VAL A 195 25.91 -19.45 -8.23
N THR A 196 25.68 -19.70 -9.51
CA THR A 196 26.58 -20.51 -10.33
C THR A 196 27.12 -19.66 -11.47
N ILE A 197 28.43 -19.67 -11.61
CA ILE A 197 29.09 -19.01 -12.73
C ILE A 197 29.80 -20.08 -13.51
N GLU A 198 29.61 -20.07 -14.82
CA GLU A 198 30.27 -21.00 -15.72
C GLU A 198 30.79 -20.17 -16.87
N MET A 199 32.11 -20.07 -16.97
CA MET A 199 32.76 -19.07 -17.80
C MET A 199 33.77 -19.81 -18.67
N ASN A 200 33.83 -19.42 -19.92
CA ASN A 200 34.83 -19.89 -20.86
C ASN A 200 35.84 -18.82 -21.21
N GLU A 201 35.36 -17.58 -21.34
CA GLU A 201 35.98 -16.38 -21.87
C GLU A 201 35.31 -15.21 -21.16
N PRO A 202 36.07 -14.36 -20.47
CA PRO A 202 35.43 -13.28 -19.72
C PRO A 202 34.68 -12.34 -20.64
N VAL A 203 33.60 -11.75 -20.11
CA VAL A 203 32.73 -10.88 -20.88
C VAL A 203 32.35 -9.66 -20.05
N GLN A 204 32.27 -8.50 -20.70
CA GLN A 204 31.67 -7.32 -20.10
C GLN A 204 30.76 -6.70 -21.14
N LEU A 205 29.51 -6.49 -20.76
CA LEU A 205 28.47 -5.96 -21.65
C LEU A 205 27.63 -4.96 -20.88
N THR A 206 27.02 -4.02 -21.62
CA THR A 206 26.21 -2.95 -21.05
C THR A 206 24.76 -3.10 -21.49
N PHE A 207 23.84 -3.03 -20.53
CA PHE A 207 22.41 -3.19 -20.82
C PHE A 207 21.58 -2.11 -20.14
N ALA A 208 20.39 -1.87 -20.70
CA ALA A 208 19.48 -0.86 -20.19
C ALA A 208 18.68 -1.44 -19.03
N LEU A 209 18.79 -0.83 -17.85
CA LEU A 209 18.08 -1.33 -16.69
C LEU A 209 16.58 -1.33 -16.89
N ARG A 210 16.05 -0.40 -17.69
CA ARG A 210 14.62 -0.33 -17.96
C ARG A 210 14.09 -1.67 -18.47
N TYR A 211 14.76 -2.27 -19.44
CA TYR A 211 14.28 -3.52 -20.00
C TYR A 211 14.48 -4.68 -19.04
N LEU A 212 15.62 -4.70 -18.33
CA LEU A 212 15.81 -5.74 -17.33
C LEU A 212 14.71 -5.68 -16.28
N ASN A 213 14.27 -4.47 -15.94
CA ASN A 213 13.20 -4.35 -14.96
C ASN A 213 11.86 -4.79 -15.53
N PHE A 214 11.67 -4.70 -16.85
CA PHE A 214 10.53 -5.36 -17.47
C PHE A 214 10.64 -6.87 -17.28
N PHE A 215 11.84 -7.40 -17.50
CA PHE A 215 12.05 -8.85 -17.49
C PHE A 215 11.73 -9.45 -16.12
N THR A 216 12.24 -8.84 -15.06
CA THR A 216 12.14 -9.44 -13.73
C THR A 216 10.72 -9.49 -13.20
N LYS A 217 9.74 -8.99 -13.95
CA LYS A 217 8.34 -9.22 -13.62
C LYS A 217 7.93 -10.69 -13.75
N ALA A 218 8.77 -11.51 -14.38
CA ALA A 218 8.56 -12.95 -14.45
C ALA A 218 9.02 -13.67 -13.18
N THR A 219 9.57 -12.92 -12.22
CA THR A 219 10.05 -13.51 -10.96
C THR A 219 9.06 -14.40 -10.23
N PRO A 220 7.76 -14.11 -10.17
CA PRO A 220 6.84 -15.02 -9.46
C PRO A 220 6.78 -16.43 -10.07
N LEU A 221 7.33 -16.64 -11.27
CA LEU A 221 7.23 -17.91 -11.97
C LEU A 221 8.31 -18.90 -11.57
N SER A 222 9.37 -18.47 -10.89
CA SER A 222 10.52 -19.33 -10.69
C SER A 222 11.40 -18.76 -9.58
N SER A 223 12.00 -19.66 -8.81
CA SER A 223 12.90 -19.23 -7.75
C SER A 223 14.29 -18.89 -8.25
N THR A 224 14.68 -19.35 -9.45
CA THR A 224 16.00 -19.07 -10.00
C THR A 224 15.86 -18.44 -11.39
N VAL A 225 16.97 -17.90 -11.89
CA VAL A 225 17.02 -17.28 -13.21
C VAL A 225 18.39 -17.58 -13.82
N THR A 226 18.44 -17.62 -15.15
CA THR A 226 19.67 -17.95 -15.86
C THR A 226 20.05 -16.84 -16.81
N LEU A 227 21.27 -16.31 -16.67
CA LEU A 227 21.82 -15.24 -17.51
C LEU A 227 22.90 -15.79 -18.43
N SER A 228 22.81 -15.49 -19.72
CA SER A 228 23.73 -16.00 -20.73
C SER A 228 24.28 -14.87 -21.56
N MET A 229 25.60 -14.81 -21.71
CA MET A 229 26.27 -13.70 -22.38
C MET A 229 27.41 -14.20 -23.26
N SER A 230 27.76 -13.36 -24.24
CA SER A 230 28.98 -13.46 -25.02
C SER A 230 29.29 -12.08 -25.57
N ALA A 231 30.52 -11.90 -26.03
CA ALA A 231 30.91 -10.60 -26.56
C ALA A 231 30.00 -10.20 -27.72
N ASP A 232 29.45 -8.99 -27.65
CA ASP A 232 28.69 -8.36 -28.74
C ASP A 232 27.41 -9.11 -29.13
N VAL A 233 26.82 -9.90 -28.23
CA VAL A 233 25.56 -10.59 -28.56
C VAL A 233 24.54 -10.30 -27.48
N PRO A 234 23.25 -10.37 -27.82
CA PRO A 234 22.19 -10.10 -26.85
C PRO A 234 22.30 -10.99 -25.63
N LEU A 235 21.93 -10.41 -24.49
CA LEU A 235 21.72 -11.16 -23.27
C LEU A 235 20.49 -12.03 -23.40
N VAL A 236 20.50 -13.19 -22.75
CA VAL A 236 19.30 -14.01 -22.58
C VAL A 236 19.05 -14.19 -21.10
N VAL A 237 17.82 -13.90 -20.69
CA VAL A 237 17.32 -14.12 -19.34
C VAL A 237 16.21 -15.15 -19.46
N GLU A 238 16.34 -16.27 -18.75
CA GLU A 238 15.40 -17.37 -18.87
C GLU A 238 14.85 -17.75 -17.50
N TYR A 239 13.52 -17.78 -17.39
CA TYR A 239 12.83 -18.30 -16.22
C TYR A 239 12.13 -19.59 -16.62
N LYS A 240 12.29 -20.64 -15.80
CA LYS A 240 11.70 -21.93 -16.09
CA LYS A 240 11.70 -21.93 -16.08
C LYS A 240 10.37 -22.04 -15.35
N ILE A 241 9.28 -22.16 -16.11
CA ILE A 241 7.95 -22.41 -15.56
C ILE A 241 7.87 -23.90 -15.22
N ALA A 242 7.07 -24.23 -14.20
CA ALA A 242 7.40 -25.30 -13.25
C ALA A 242 8.12 -26.49 -13.89
N ASP A 243 7.43 -27.21 -14.76
CA ASP A 243 8.09 -28.15 -15.65
C ASP A 243 7.42 -28.14 -17.02
N MET A 244 6.68 -27.07 -17.32
CA MET A 244 5.85 -26.95 -18.51
C MET A 244 6.55 -26.22 -19.64
N GLY A 245 7.43 -25.30 -19.32
CA GLY A 245 8.12 -24.55 -20.33
C GLY A 245 9.00 -23.50 -19.72
N HIS A 246 9.14 -22.38 -20.42
CA HIS A 246 10.06 -21.34 -19.99
C HIS A 246 9.57 -20.01 -20.53
N LEU A 247 10.23 -18.95 -20.08
CA LEU A 247 10.03 -17.63 -20.62
C LEU A 247 11.43 -17.05 -20.82
N LYS A 248 11.85 -16.95 -22.08
CA LYS A 248 13.18 -16.44 -22.41
C LYS A 248 13.03 -14.99 -22.82
N TYR A 249 13.97 -14.16 -22.37
CA TYR A 249 14.00 -12.76 -22.78
C TYR A 249 15.37 -12.46 -23.39
N TYR A 250 15.37 -11.86 -24.57
CA TYR A 250 16.60 -11.42 -25.21
C TYR A 250 16.68 -9.90 -25.15
N LEU A 251 17.88 -9.38 -24.89
CA LEU A 251 18.09 -7.93 -24.79
C LEU A 251 19.39 -7.57 -25.50
N ALA A 252 19.29 -6.76 -26.55
CA ALA A 252 20.49 -6.33 -27.25
C ALA A 252 21.31 -5.40 -26.36
N PRO A 253 22.64 -5.41 -26.50
CA PRO A 253 23.50 -4.57 -25.66
C PRO A 253 23.58 -3.14 -26.20
N LYS A 254 24.29 -2.29 -25.45
CA LYS A 254 24.62 -0.92 -25.86
C LYS A 254 26.12 -0.80 -26.12
N ILE A 255 26.46 0.01 -27.13
CA ILE A 255 27.79 0.60 -27.42
C ILE A 255 27.82 0.88 -28.91
N GLY B 4 23.60 4.94 -29.22
CA GLY B 4 23.81 4.24 -27.97
C GLY B 4 23.31 2.80 -27.92
N GLN B 5 21.99 2.60 -28.00
CA GLN B 5 21.40 1.26 -27.94
C GLN B 5 21.38 0.60 -29.31
N LEU B 6 21.83 -0.65 -29.38
CA LEU B 6 21.67 -1.48 -30.58
C LEU B 6 20.31 -2.17 -30.57
N THR B 7 19.84 -2.51 -31.76
CA THR B 7 18.66 -3.34 -31.95
C THR B 7 19.06 -4.79 -32.23
N LEU B 8 18.10 -5.70 -32.01
CA LEU B 8 18.33 -7.10 -32.35
C LEU B 8 18.54 -7.28 -33.85
N LEU B 9 17.90 -6.43 -34.66
CA LEU B 9 18.09 -6.54 -36.11
C LEU B 9 19.52 -6.20 -36.51
N GLN B 10 20.26 -5.49 -35.65
CA GLN B 10 21.69 -5.27 -35.83
C GLN B 10 22.52 -6.35 -35.15
N CYS B 11 21.88 -7.39 -34.59
CA CYS B 11 22.56 -8.49 -33.93
C CYS B 11 22.25 -9.84 -34.58
N GLY B 12 21.80 -9.84 -35.83
CA GLY B 12 21.58 -11.09 -36.55
C GLY B 12 20.18 -11.67 -36.47
N PHE B 13 19.24 -10.98 -35.83
CA PHE B 13 17.87 -11.47 -35.78
C PHE B 13 17.09 -11.01 -37.02
N SER B 14 15.89 -11.55 -37.17
CA SER B 14 14.99 -11.16 -38.26
C SER B 14 13.55 -11.03 -37.76
N MET C 1 -30.14 16.63 25.62
CA MET C 1 -29.17 15.67 26.15
C MET C 1 -29.31 14.32 25.48
N PHE C 2 -28.31 13.99 24.67
CA PHE C 2 -28.19 12.69 24.02
C PHE C 2 -26.84 12.13 24.40
N GLU C 3 -26.80 10.84 24.71
CA GLU C 3 -25.53 10.18 25.02
C GLU C 3 -25.66 8.70 24.72
N ALA C 4 -24.76 8.19 23.88
CA ALA C 4 -24.81 6.79 23.47
C ALA C 4 -23.38 6.24 23.48
N ARG C 5 -23.16 5.20 24.29
CA ARG C 5 -21.87 4.56 24.45
C ARG C 5 -21.85 3.26 23.66
N LEU C 6 -20.86 3.12 22.79
CA LEU C 6 -20.74 1.96 21.90
C LEU C 6 -19.40 1.30 22.16
N VAL C 7 -19.44 0.06 22.67
CA VAL C 7 -18.20 -0.63 23.00
C VAL C 7 -17.47 -1.01 21.71
N GLN C 8 -18.18 -1.66 20.78
CA GLN C 8 -17.58 -2.06 19.52
CA GLN C 8 -17.61 -2.07 19.50
C GLN C 8 -17.55 -0.88 18.54
N GLY C 9 -16.82 0.15 18.97
CA GLY C 9 -16.72 1.40 18.23
C GLY C 9 -16.37 1.24 16.75
N SER C 10 -15.72 0.14 16.39
CA SER C 10 -15.38 -0.10 15.00
C SER C 10 -16.62 -0.05 14.11
N ILE C 11 -17.80 -0.36 14.66
CA ILE C 11 -19.03 -0.30 13.88
C ILE C 11 -19.24 1.09 13.32
N LEU C 12 -19.09 2.10 14.16
CA LEU C 12 -19.26 3.47 13.68
C LEU C 12 -18.24 3.79 12.60
N LYS C 13 -16.98 3.40 12.82
CA LYS C 13 -15.95 3.61 11.79
C LYS C 13 -16.40 3.00 10.47
N LYS C 14 -16.85 1.75 10.50
CA LYS C 14 -17.25 1.05 9.28
C LYS C 14 -18.51 1.66 8.67
N VAL C 15 -19.49 2.00 9.52
CA VAL C 15 -20.74 2.56 9.03
C VAL C 15 -20.48 3.84 8.26
N LEU C 16 -19.63 4.72 8.80
CA LEU C 16 -19.34 5.97 8.10
C LEU C 16 -18.58 5.74 6.80
N GLU C 17 -17.63 4.80 6.77
CA GLU C 17 -16.95 4.49 5.51
CA GLU C 17 -16.95 4.51 5.51
C GLU C 17 -17.93 4.03 4.46
N ALA C 18 -18.97 3.31 4.87
CA ALA C 18 -19.99 2.85 3.92
C ALA C 18 -20.94 3.97 3.50
N LEU C 19 -20.99 5.08 4.23
CA LEU C 19 -21.93 6.14 3.91
C LEU C 19 -21.28 7.32 3.20
N LYS C 20 -20.05 7.68 3.57
CA LYS C 20 -19.45 8.92 3.07
C LYS C 20 -19.36 8.93 1.55
N ASP C 21 -19.06 7.77 0.96
CA ASP C 21 -18.82 7.69 -0.48
C ASP C 21 -20.10 7.86 -1.29
N LEU C 22 -21.26 7.61 -0.67
CA LEU C 22 -22.55 7.76 -1.33
C LEU C 22 -23.30 9.02 -0.90
N ILE C 23 -23.20 9.43 0.36
CA ILE C 23 -23.99 10.54 0.90
C ILE C 23 -23.06 11.56 1.54
N ASN C 24 -23.10 12.79 1.02
CA ASN C 24 -22.22 13.86 1.47
C ASN C 24 -22.65 14.42 2.83
N GLU C 25 -23.96 14.51 3.06
CA GLU C 25 -24.49 15.14 4.25
C GLU C 25 -25.83 14.48 4.55
N ALA C 26 -26.08 14.18 5.81
CA ALA C 26 -27.28 13.45 6.15
C ALA C 26 -27.76 13.85 7.54
N CYS C 27 -28.95 13.39 7.88
CA CYS C 27 -29.63 13.81 9.09
C CYS C 27 -29.84 12.59 9.98
N TRP C 28 -29.29 12.65 11.19
CA TRP C 28 -29.41 11.56 12.13
C TRP C 28 -30.71 11.75 12.91
N ASP C 29 -31.62 10.77 12.81
CA ASP C 29 -32.85 10.84 13.57
C ASP C 29 -32.54 10.12 14.88
N ILE C 30 -32.25 10.88 15.90
CA ILE C 30 -32.00 10.31 17.21
C ILE C 30 -33.31 10.29 17.98
N SER C 31 -33.56 9.18 18.66
CA SER C 31 -34.74 9.04 19.50
C SER C 31 -34.42 8.04 20.61
N SER C 32 -35.41 7.79 21.46
CA SER C 32 -35.22 6.82 22.53
C SER C 32 -35.04 5.42 21.99
N SER C 33 -35.58 5.15 20.80
CA SER C 33 -35.47 3.81 20.22
C SER C 33 -34.14 3.59 19.52
N GLY C 34 -33.42 4.65 19.18
CA GLY C 34 -32.08 4.50 18.66
C GLY C 34 -31.77 5.56 17.63
N VAL C 35 -30.75 5.26 16.83
CA VAL C 35 -30.24 6.15 15.81
C VAL C 35 -30.71 5.65 14.46
N ASN C 36 -30.98 6.58 13.55
CA ASN C 36 -31.66 6.25 12.31
C ASN C 36 -31.22 7.23 11.23
N LEU C 37 -30.89 6.71 10.05
CA LEU C 37 -30.38 7.56 8.98
C LEU C 37 -30.96 7.11 7.65
N GLN C 38 -31.51 8.06 6.89
CA GLN C 38 -32.07 7.82 5.56
C GLN C 38 -31.68 8.96 4.64
N SER C 39 -31.38 8.64 3.39
CA SER C 39 -31.05 9.66 2.41
C SER C 39 -31.03 9.04 1.02
N MET C 40 -31.49 9.80 0.03
CA MET C 40 -31.22 9.45 -1.34
C MET C 40 -29.96 10.15 -1.79
N ASP C 41 -29.27 9.58 -2.77
CA ASP C 41 -28.09 10.27 -3.27
C ASP C 41 -28.56 11.43 -4.14
N SER C 42 -27.59 12.23 -4.61
CA SER C 42 -27.93 13.42 -5.38
C SER C 42 -28.75 13.07 -6.62
N SER C 43 -28.34 12.04 -7.35
CA SER C 43 -28.97 11.70 -8.63
C SER C 43 -30.30 10.97 -8.48
N HIS C 44 -30.68 10.58 -7.26
CA HIS C 44 -32.00 10.02 -6.95
C HIS C 44 -32.21 8.59 -7.47
N VAL C 45 -31.13 7.84 -7.65
CA VAL C 45 -31.26 6.46 -8.11
C VAL C 45 -31.10 5.47 -6.96
N SER C 46 -30.46 5.86 -5.87
CA SER C 46 -30.26 4.97 -4.74
C SER C 46 -30.73 5.63 -3.46
N LEU C 47 -30.92 4.80 -2.45
CA LEU C 47 -31.35 5.24 -1.14
C LEU C 47 -30.65 4.35 -0.11
N VAL C 48 -30.18 4.96 0.96
CA VAL C 48 -29.54 4.23 2.05
C VAL C 48 -30.34 4.45 3.32
N GLN C 49 -30.56 3.35 4.06
CA GLN C 49 -31.31 3.39 5.31
C GLN C 49 -30.49 2.69 6.39
N LEU C 50 -30.19 3.41 7.46
CA LEU C 50 -29.38 2.93 8.56
C LEU C 50 -30.20 2.76 9.83
N THR C 51 -29.93 1.69 10.56
CA THR C 51 -30.65 1.38 11.80
C THR C 51 -29.66 0.98 12.87
N LEU C 52 -29.68 1.70 14.00
CA LEU C 52 -28.89 1.37 15.19
C LEU C 52 -29.82 1.40 16.40
N ARG C 53 -30.18 0.21 16.89
CA ARG C 53 -31.10 0.05 18.03
C ARG C 53 -30.45 0.43 19.38
N SER C 54 -31.24 1.07 20.27
CA SER C 54 -30.69 1.60 21.54
C SER C 54 -30.19 0.51 22.48
N GLU C 55 -30.88 -0.58 22.45
CA GLU C 55 -30.47 -1.85 22.98
C GLU C 55 -29.11 -2.34 22.44
N GLY C 56 -28.71 -1.91 21.24
CA GLY C 56 -27.37 -2.34 20.83
C GLY C 56 -26.22 -1.60 21.50
N PHE C 57 -26.50 -0.47 22.17
CA PHE C 57 -25.48 0.34 22.82
C PHE C 57 -25.27 -0.08 24.28
N ASP C 58 -24.02 0.03 24.75
CA ASP C 58 -23.76 -0.18 26.17
C ASP C 58 -24.60 0.77 27.01
N THR C 59 -24.70 2.02 26.59
CA THR C 59 -25.46 3.07 27.27
C THR C 59 -26.22 3.86 26.21
N TYR C 60 -27.47 4.21 26.48
CA TYR C 60 -28.21 5.05 25.53
C TYR C 60 -29.26 5.86 26.26
N ARG C 61 -29.15 7.18 26.11
CA ARG C 61 -30.03 8.16 26.71
C ARG C 61 -30.39 9.20 25.66
N CYS C 62 -31.69 9.49 25.52
CA CYS C 62 -32.15 10.44 24.51
C CYS C 62 -33.40 11.13 25.06
N ASP C 63 -33.22 12.33 25.63
CA ASP C 63 -34.29 13.02 26.33
C ASP C 63 -35.42 13.50 25.41
N ARG C 64 -35.13 13.70 24.13
CA ARG C 64 -36.15 14.14 23.17
C ARG C 64 -35.70 13.64 21.81
N ASN C 65 -36.66 13.57 20.88
CA ASN C 65 -36.30 13.27 19.50
C ASN C 65 -35.37 14.34 18.97
N LEU C 66 -34.32 13.92 18.29
CA LEU C 66 -33.38 14.85 17.72
C LEU C 66 -33.30 14.60 16.22
N ALA C 67 -32.73 15.59 15.54
CA ALA C 67 -32.46 15.51 14.12
C ALA C 67 -31.18 16.31 13.94
N MET C 68 -30.06 15.61 14.01
CA MET C 68 -28.75 16.25 13.90
C MET C 68 -28.29 16.19 12.46
N GLY C 69 -28.07 17.35 11.86
CA GLY C 69 -27.49 17.40 10.53
C GLY C 69 -25.99 17.32 10.62
N VAL C 70 -25.41 16.32 9.99
CA VAL C 70 -23.99 16.03 10.12
C VAL C 70 -23.37 15.98 8.74
N ASN C 71 -22.23 16.66 8.59
CA ASN C 71 -21.35 16.45 7.43
C ASN C 71 -20.69 15.09 7.57
N LEU C 72 -21.13 14.11 6.76
CA LEU C 72 -20.61 12.75 6.89
C LEU C 72 -19.13 12.66 6.56
N THR C 73 -18.66 13.44 5.59
CA THR C 73 -17.22 13.44 5.30
C THR C 73 -16.43 13.95 6.51
N SER C 74 -16.90 15.02 7.14
CA SER C 74 -16.23 15.53 8.33
C SER C 74 -16.24 14.50 9.45
N MET C 75 -17.36 13.82 9.64
CA MET C 75 -17.48 12.85 10.72
C MET C 75 -16.59 11.63 10.47
N SER C 76 -16.50 11.19 9.21
CA SER C 76 -15.57 10.11 8.88
C SER C 76 -14.14 10.50 9.22
N LYS C 77 -13.76 11.75 8.94
CA LYS C 77 -12.40 12.17 9.21
C LYS C 77 -12.11 12.15 10.71
N ILE C 78 -13.10 12.52 11.52
CA ILE C 78 -12.93 12.45 12.97
C ILE C 78 -12.87 11.01 13.45
N LEU C 79 -13.74 10.14 12.91
CA LEU C 79 -13.70 8.74 13.33
C LEU C 79 -12.43 8.03 12.88
N LYS C 80 -11.72 8.56 11.88
CA LYS C 80 -10.43 7.96 11.53
C LYS C 80 -9.39 8.16 12.63
N CYS C 81 -9.61 9.11 13.54
CA CYS C 81 -8.73 9.30 14.68
C CYS C 81 -8.99 8.29 15.79
N ALA C 82 -10.02 7.47 15.67
CA ALA C 82 -10.30 6.44 16.66
C ALA C 82 -9.62 5.14 16.27
N GLY C 83 -9.06 4.47 17.26
CA GLY C 83 -8.53 3.15 17.05
C GLY C 83 -9.64 2.16 16.80
N ASN C 84 -9.25 0.95 16.37
CA ASN C 84 -10.26 -0.03 15.99
C ASN C 84 -10.91 -0.68 17.20
N GLU C 85 -10.20 -0.74 18.32
CA GLU C 85 -10.75 -1.30 19.55
C GLU C 85 -11.16 -0.22 20.55
N ASP C 86 -11.40 1.00 20.08
CA ASP C 86 -11.75 2.08 21.00
C ASP C 86 -13.21 2.00 21.37
N ILE C 87 -13.55 2.59 22.50
CA ILE C 87 -14.94 2.70 22.94
C ILE C 87 -15.37 4.10 22.60
N ILE C 88 -16.51 4.22 21.92
CA ILE C 88 -16.93 5.49 21.32
C ILE C 88 -18.24 5.92 21.96
N THR C 89 -18.27 7.16 22.44
CA THR C 89 -19.46 7.76 23.01
C THR C 89 -19.87 8.94 22.16
N LEU C 90 -21.15 8.96 21.76
CA LEU C 90 -21.72 10.14 21.13
C LEU C 90 -22.44 10.94 22.21
N ARG C 91 -22.28 12.25 22.19
CA ARG C 91 -22.93 13.10 23.17
C ARG C 91 -23.35 14.41 22.54
N ALA C 92 -24.62 14.75 22.70
CA ALA C 92 -25.16 16.01 22.20
C ALA C 92 -25.79 16.74 23.36
N GLU C 93 -25.40 18.00 23.52
CA GLU C 93 -25.73 18.75 24.72
C GLU C 93 -27.06 19.47 24.52
N ASP C 94 -27.33 20.39 25.45
CA ASP C 94 -28.54 21.21 25.57
C ASP C 94 -29.14 21.66 24.25
N ASN C 95 -28.35 22.35 23.47
CA ASN C 95 -28.75 23.22 22.37
C ASN C 95 -27.76 23.00 21.25
N ALA C 96 -26.54 22.69 21.71
CA ALA C 96 -25.32 23.06 21.01
C ALA C 96 -25.33 22.56 19.57
N ASP C 97 -24.71 23.34 18.75
CA ASP C 97 -24.36 23.18 17.37
C ASP C 97 -23.27 22.18 17.21
N THR C 98 -22.93 21.48 18.28
CA THR C 98 -21.87 20.49 18.27
C THR C 98 -22.35 19.12 18.74
N LEU C 99 -21.74 18.09 18.15
CA LEU C 99 -21.89 16.69 18.54
C LEU C 99 -20.53 16.22 19.01
N ALA C 100 -20.42 15.88 20.29
CA ALA C 100 -19.15 15.40 20.83
C ALA C 100 -18.97 13.91 20.55
N LEU C 101 -17.73 13.52 20.27
CA LEU C 101 -17.33 12.13 20.07
C LEU C 101 -16.14 11.84 20.98
N VAL C 102 -16.24 10.78 21.77
CA VAL C 102 -15.24 10.46 22.77
C VAL C 102 -14.69 9.07 22.47
N PHE C 103 -13.37 8.98 22.37
CA PHE C 103 -12.66 7.76 22.02
C PHE C 103 -11.87 7.32 23.25
N GLU C 104 -12.30 6.23 23.88
CA GLU C 104 -11.62 5.69 25.04
C GLU C 104 -10.68 4.57 24.63
N ALA C 105 -9.38 4.79 24.82
CA ALA C 105 -8.43 3.70 24.64
C ALA C 105 -8.81 2.56 25.57
N PRO C 106 -8.73 1.31 25.11
N PRO C 106 -8.67 1.31 25.14
CA PRO C 106 -9.16 0.18 25.95
CA PRO C 106 -9.10 0.19 25.99
C PRO C 106 -8.16 -0.22 27.03
C PRO C 106 -8.38 0.11 27.33
N ASN C 107 -6.88 -0.23 26.69
N ASN C 107 -7.21 0.74 27.44
CA ASN C 107 -5.87 -0.80 27.57
CA ASN C 107 -6.41 0.67 28.66
C ASN C 107 -5.23 0.24 28.50
C ASN C 107 -6.83 1.65 29.74
N GLN C 108 -4.72 1.33 27.93
N GLN C 108 -7.71 2.61 29.42
CA GLN C 108 -3.97 2.32 28.68
CA GLN C 108 -8.22 3.68 30.27
C GLN C 108 -4.88 3.49 29.09
C GLN C 108 -7.21 4.82 30.47
N GLU C 109 -4.28 4.50 29.72
N GLU C 109 -5.97 4.68 29.99
CA GLU C 109 -5.01 5.66 30.21
CA GLU C 109 -4.94 5.68 30.23
C GLU C 109 -4.89 6.78 29.16
C GLU C 109 -4.87 6.75 29.15
N LYS C 110 -5.69 6.64 28.10
CA LYS C 110 -5.75 7.62 27.02
C LYS C 110 -7.19 7.85 26.62
N VAL C 111 -7.62 9.12 26.57
CA VAL C 111 -8.99 9.47 26.21
C VAL C 111 -8.97 10.69 25.29
N SER C 112 -9.84 10.66 24.27
CA SER C 112 -9.87 11.67 23.20
C SER C 112 -11.27 12.25 23.07
N ASP C 113 -11.40 13.56 23.23
CA ASP C 113 -12.66 14.27 22.99
CA ASP C 113 -12.65 14.27 22.99
C ASP C 113 -12.53 15.06 21.70
N TYR C 114 -13.46 14.83 20.77
CA TYR C 114 -13.57 15.66 19.58
C TYR C 114 -14.93 16.36 19.58
N GLU C 115 -14.94 17.66 19.26
CA GLU C 115 -16.17 18.43 19.17
C GLU C 115 -16.39 18.76 17.70
N MET C 116 -17.45 18.20 17.12
CA MET C 116 -17.76 18.37 15.71
C MET C 116 -18.86 19.42 15.53
N LYS C 117 -18.67 20.31 14.56
CA LYS C 117 -19.72 21.29 14.24
C LYS C 117 -20.89 20.60 13.55
N LEU C 118 -22.10 21.03 13.88
CA LEU C 118 -23.30 20.52 13.22
C LEU C 118 -23.81 21.53 12.18
N MET C 119 -24.75 21.06 11.37
CA MET C 119 -25.43 21.90 10.39
C MET C 119 -26.94 21.68 10.45
N ASP C 120 -27.70 22.74 10.17
CA ASP C 120 -29.16 22.64 10.17
CA ASP C 120 -29.16 22.64 10.17
C ASP C 120 -29.66 22.19 8.81
N LEU C 121 -30.62 21.28 8.82
CA LEU C 121 -31.18 20.72 7.62
C LEU C 121 -32.63 20.36 7.93
N ASP C 122 -33.50 20.43 6.94
CA ASP C 122 -34.81 19.82 7.12
C ASP C 122 -34.69 18.37 6.70
N VAL C 123 -35.17 17.48 7.57
CA VAL C 123 -35.18 16.06 7.26
C VAL C 123 -36.04 15.81 6.02
N GLU C 124 -35.47 15.14 5.02
CA GLU C 124 -36.27 14.65 3.92
C GLU C 124 -37.13 13.52 4.48
N GLN C 125 -38.43 13.59 4.29
CA GLN C 125 -39.30 12.47 4.62
C GLN C 125 -39.53 11.68 3.33
N LEU C 126 -38.96 10.48 3.27
CA LEU C 126 -38.90 9.69 2.05
C LEU C 126 -39.94 8.60 2.11
N GLY C 127 -40.70 8.46 1.04
CA GLY C 127 -41.68 7.39 0.92
C GLY C 127 -41.11 6.16 0.24
N ILE C 128 -40.99 5.05 0.96
CA ILE C 128 -40.64 3.78 0.37
C ILE C 128 -41.91 3.04 0.01
N PRO C 129 -42.20 2.79 -1.28
CA PRO C 129 -43.41 2.05 -1.63
C PRO C 129 -43.33 0.63 -1.16
N GLU C 130 -44.51 0.07 -1.01
CA GLU C 130 -44.68 -1.06 -0.12
C GLU C 130 -44.54 -2.29 -1.01
N GLN C 131 -43.69 -3.23 -0.63
CA GLN C 131 -43.17 -4.15 -1.65
C GLN C 131 -42.68 -5.46 -1.06
N GLU C 132 -42.92 -6.56 -1.79
CA GLU C 132 -42.41 -7.88 -1.46
C GLU C 132 -41.90 -8.58 -2.72
N TYR C 133 -40.91 -9.45 -2.52
CA TYR C 133 -39.93 -9.79 -3.56
C TYR C 133 -40.02 -11.24 -4.03
N SER C 134 -39.84 -11.42 -5.35
CA SER C 134 -39.86 -12.77 -5.94
C SER C 134 -38.68 -13.59 -5.46
N CYS C 135 -37.47 -13.03 -5.60
CA CYS C 135 -36.21 -13.72 -5.39
C CYS C 135 -35.55 -13.09 -4.17
N VAL C 136 -35.08 -13.93 -3.25
CA VAL C 136 -34.28 -13.47 -2.13
C VAL C 136 -33.02 -14.31 -2.09
N VAL C 137 -31.85 -13.65 -2.19
CA VAL C 137 -30.56 -14.33 -2.25
C VAL C 137 -29.72 -13.91 -1.06
N LYS C 138 -29.20 -14.88 -0.33
CA LYS C 138 -28.29 -14.64 0.78
C LYS C 138 -26.98 -15.37 0.49
N MET C 139 -25.86 -14.69 0.66
CA MET C 139 -24.57 -15.17 0.18
C MET C 139 -23.46 -14.42 0.91
N PRO C 140 -22.23 -14.93 0.89
CA PRO C 140 -21.14 -14.22 1.58
C PRO C 140 -20.90 -12.84 0.99
N SER C 141 -20.76 -11.84 1.87
CA SER C 141 -20.51 -10.48 1.43
C SER C 141 -19.20 -10.36 0.68
N GLY C 142 -18.21 -11.20 1.01
CA GLY C 142 -16.94 -11.12 0.32
C GLY C 142 -17.03 -11.50 -1.14
N GLU C 143 -17.79 -12.57 -1.45
CA GLU C 143 -17.92 -12.95 -2.85
C GLU C 143 -18.75 -11.95 -3.63
N PHE C 144 -19.74 -11.32 -2.99
CA PHE C 144 -20.57 -10.35 -3.70
C PHE C 144 -19.77 -9.11 -4.06
N ALA C 145 -18.92 -8.65 -3.15
CA ALA C 145 -18.03 -7.54 -3.46
C ALA C 145 -17.08 -7.90 -4.59
N ARG C 146 -16.45 -9.06 -4.52
CA ARG C 146 -15.48 -9.42 -5.55
C ARG C 146 -16.18 -9.61 -6.89
N ILE C 147 -17.40 -10.16 -6.88
CA ILE C 147 -18.19 -10.27 -8.11
C ILE C 147 -18.37 -8.87 -8.72
N CYS C 148 -18.79 -7.90 -7.90
CA CYS C 148 -19.08 -6.57 -8.43
C CYS C 148 -17.81 -5.87 -8.94
N ARG C 149 -16.68 -5.97 -8.23
CA ARG C 149 -15.48 -5.32 -8.75
C ARG C 149 -15.02 -5.97 -10.04
N ASP C 150 -15.09 -7.30 -10.11
CA ASP C 150 -14.63 -8.00 -11.30
C ASP C 150 -15.43 -7.60 -12.53
N LEU C 151 -16.77 -7.67 -12.44
CA LEU C 151 -17.61 -7.35 -13.58
C LEU C 151 -17.54 -5.88 -13.97
N SER C 152 -17.13 -4.99 -13.06
CA SER C 152 -17.02 -3.59 -13.42
C SER C 152 -15.81 -3.32 -14.31
N HIS C 153 -14.84 -4.23 -14.34
CA HIS C 153 -13.73 -4.13 -15.28
C HIS C 153 -14.11 -4.58 -16.69
N ILE C 154 -15.38 -4.94 -16.91
CA ILE C 154 -15.87 -5.29 -18.23
C ILE C 154 -16.93 -4.31 -18.72
N GLY C 155 -17.88 -3.95 -17.86
CA GLY C 155 -18.98 -3.10 -18.30
C GLY C 155 -19.47 -2.21 -17.18
N ASP C 156 -20.38 -1.31 -17.55
CA ASP C 156 -20.99 -0.36 -16.62
CA ASP C 156 -20.96 -0.37 -16.60
C ASP C 156 -22.21 -0.92 -15.93
N ALA C 157 -22.81 -1.99 -16.46
CA ALA C 157 -24.06 -2.53 -15.93
C ALA C 157 -23.99 -4.05 -15.87
N VAL C 158 -24.69 -4.61 -14.88
CA VAL C 158 -24.70 -6.05 -14.61
C VAL C 158 -26.13 -6.58 -14.73
N VAL C 159 -26.26 -7.75 -15.36
CA VAL C 159 -27.54 -8.45 -15.51
C VAL C 159 -27.63 -9.55 -14.47
N ILE C 160 -28.65 -9.47 -13.61
CA ILE C 160 -28.89 -10.47 -12.58
C ILE C 160 -30.11 -11.28 -12.97
N SER C 161 -29.87 -12.56 -13.23
CA SER C 161 -30.93 -13.53 -13.40
C SER C 161 -30.69 -14.65 -12.38
N CYS C 162 -31.54 -14.75 -11.32
CA CYS C 162 -31.59 -15.94 -10.44
C CYS C 162 -32.61 -16.95 -10.91
N ALA C 163 -32.19 -18.20 -11.00
CA ALA C 163 -33.13 -19.29 -10.88
C ALA C 163 -32.82 -20.00 -9.55
N LYS C 164 -33.81 -20.70 -8.97
CA LYS C 164 -33.54 -21.42 -7.70
C LYS C 164 -32.42 -22.44 -7.89
N ASP C 165 -32.21 -22.88 -9.12
CA ASP C 165 -30.96 -23.40 -9.67
C ASP C 165 -29.70 -22.64 -9.23
N GLY C 166 -29.63 -21.36 -9.59
CA GLY C 166 -28.44 -20.56 -9.36
C GLY C 166 -28.72 -19.15 -9.86
N VAL C 167 -27.81 -18.24 -9.52
CA VAL C 167 -27.94 -16.85 -9.95
C VAL C 167 -26.78 -16.55 -10.90
N LYS C 168 -27.08 -15.77 -11.94
CA LYS C 168 -26.14 -15.42 -12.99
C LYS C 168 -25.95 -13.91 -13.00
N PHE C 169 -24.69 -13.49 -13.02
CA PHE C 169 -24.31 -12.09 -13.14
C PHE C 169 -23.60 -11.93 -14.48
N SER C 170 -24.09 -11.02 -15.32
CA SER C 170 -23.53 -10.85 -16.66
C SER C 170 -23.17 -9.40 -16.91
N ALA C 171 -22.09 -9.21 -17.65
CA ALA C 171 -21.67 -7.90 -18.11
C ALA C 171 -21.02 -8.06 -19.48
N SER C 172 -21.19 -7.04 -20.31
CA SER C 172 -20.54 -6.96 -21.61
C SER C 172 -19.88 -5.59 -21.75
N GLY C 173 -18.82 -5.53 -22.52
CA GLY C 173 -18.08 -4.29 -22.58
C GLY C 173 -17.15 -4.16 -23.77
N GLU C 174 -16.17 -3.29 -23.60
CA GLU C 174 -15.30 -2.88 -24.69
C GLU C 174 -14.22 -3.90 -25.02
N LEU C 175 -14.13 -4.99 -24.26
CA LEU C 175 -13.15 -6.03 -24.55
C LEU C 175 -13.75 -7.43 -24.55
N GLY C 176 -15.06 -7.56 -24.43
CA GLY C 176 -15.74 -8.84 -24.45
C GLY C 176 -16.86 -8.86 -23.44
N ASN C 177 -17.24 -10.05 -22.98
CA ASN C 177 -18.26 -10.16 -21.94
C ASN C 177 -17.98 -11.36 -21.05
N GLY C 178 -18.49 -11.27 -19.82
CA GLY C 178 -18.27 -12.30 -18.82
C GLY C 178 -19.54 -12.54 -18.01
N ASN C 179 -19.60 -13.73 -17.41
CA ASN C 179 -20.69 -14.05 -16.49
C ASN C 179 -20.16 -14.86 -15.30
N ILE C 180 -20.85 -14.74 -14.16
CA ILE C 180 -20.56 -15.56 -12.98
C ILE C 180 -21.84 -16.25 -12.53
N LYS C 181 -21.79 -17.57 -12.40
CA LYS C 181 -22.91 -18.37 -11.95
C LYS C 181 -22.61 -18.90 -10.55
N LEU C 182 -23.47 -18.56 -9.59
CA LEU C 182 -23.39 -19.06 -8.22
C LEU C 182 -24.42 -20.16 -8.02
N SER C 183 -23.99 -21.29 -7.46
CA SER C 183 -24.89 -22.37 -7.09
C SER C 183 -25.17 -22.37 -5.60
N GLN C 184 -26.35 -22.88 -5.23
CA GLN C 184 -26.63 -23.19 -3.84
C GLN C 184 -25.72 -24.32 -3.34
N THR C 185 -25.18 -24.13 -2.14
CA THR C 185 -24.34 -25.15 -1.50
C THR C 185 -25.17 -26.27 -0.85
N GLU C 192 -22.81 -18.53 7.00
CA GLU C 192 -21.66 -17.69 6.67
C GLU C 192 -21.12 -17.99 5.29
N GLU C 193 -20.78 -19.27 5.07
CA GLU C 193 -20.11 -19.71 3.87
C GLU C 193 -21.06 -20.05 2.73
N ALA C 194 -22.37 -20.01 2.99
CA ALA C 194 -23.37 -20.61 2.13
C ALA C 194 -23.99 -19.59 1.18
N VAL C 195 -24.64 -20.13 0.14
CA VAL C 195 -25.43 -19.35 -0.81
C VAL C 195 -26.84 -19.92 -0.80
N THR C 196 -27.82 -19.08 -0.45
CA THR C 196 -29.21 -19.51 -0.28
C THR C 196 -30.14 -18.68 -1.14
N ILE C 197 -31.01 -19.35 -1.90
CA ILE C 197 -32.02 -18.73 -2.76
C ILE C 197 -33.39 -19.16 -2.28
N GLU C 198 -34.34 -18.22 -2.28
CA GLU C 198 -35.74 -18.52 -2.02
C GLU C 198 -36.53 -17.72 -3.05
N MET C 199 -37.16 -18.42 -4.00
CA MET C 199 -37.58 -17.78 -5.23
C MET C 199 -38.97 -18.22 -5.69
N ASN C 200 -39.57 -17.36 -6.51
CA ASN C 200 -40.80 -17.42 -7.30
C ASN C 200 -40.43 -17.43 -8.79
N GLU C 201 -41.37 -17.01 -9.64
CA GLU C 201 -41.22 -16.73 -11.07
C GLU C 201 -39.86 -16.14 -11.43
N PRO C 202 -39.27 -16.54 -12.57
CA PRO C 202 -37.95 -15.99 -12.96
C PRO C 202 -37.97 -14.47 -13.08
N VAL C 203 -36.82 -13.88 -12.76
CA VAL C 203 -36.65 -12.43 -12.80
C VAL C 203 -35.29 -12.13 -13.42
N GLN C 204 -35.26 -11.11 -14.28
CA GLN C 204 -34.03 -10.60 -14.88
C GLN C 204 -34.06 -9.09 -14.78
N LEU C 205 -33.02 -8.52 -14.16
CA LEU C 205 -32.94 -7.08 -13.97
C LEU C 205 -31.51 -6.63 -14.21
N THR C 206 -31.38 -5.38 -14.64
CA THR C 206 -30.09 -4.79 -14.96
C THR C 206 -29.84 -3.61 -14.04
N PHE C 207 -28.65 -3.58 -13.44
CA PHE C 207 -28.29 -2.55 -12.47
C PHE C 207 -26.92 -2.01 -12.80
N ALA C 208 -26.64 -0.80 -12.33
CA ALA C 208 -25.37 -0.12 -12.60
C ALA C 208 -24.31 -0.59 -11.59
N LEU C 209 -23.23 -1.16 -12.11
CA LEU C 209 -22.14 -1.64 -11.25
C LEU C 209 -21.49 -0.50 -10.48
N ARG C 210 -21.54 0.73 -11.01
CA ARG C 210 -21.01 1.86 -10.27
C ARG C 210 -21.64 1.93 -8.88
N TYR C 211 -22.97 1.82 -8.81
CA TYR C 211 -23.63 2.00 -7.53
C TYR C 211 -23.43 0.80 -6.61
N LEU C 212 -23.45 -0.41 -7.18
CA LEU C 212 -23.26 -1.60 -6.36
C LEU C 212 -21.90 -1.57 -5.67
N ASN C 213 -20.87 -1.06 -6.35
CA ASN C 213 -19.58 -0.97 -5.71
C ASN C 213 -19.55 0.10 -4.61
N PHE C 214 -20.43 1.09 -4.67
CA PHE C 214 -20.68 1.93 -3.50
C PHE C 214 -21.25 1.09 -2.37
N PHE C 215 -22.19 0.21 -2.70
CA PHE C 215 -22.88 -0.57 -1.67
C PHE C 215 -21.91 -1.47 -0.94
N THR C 216 -21.06 -2.18 -1.67
CA THR C 216 -20.16 -3.15 -1.05
C THR C 216 -19.12 -2.47 -0.19
N LYS C 217 -19.12 -1.14 -0.09
CA LYS C 217 -18.30 -0.47 0.90
C LYS C 217 -18.70 -0.88 2.30
N ALA C 218 -19.91 -1.42 2.46
CA ALA C 218 -20.41 -1.91 3.73
C ALA C 218 -19.98 -3.33 4.04
N THR C 219 -19.27 -3.99 3.13
CA THR C 219 -18.88 -5.39 3.32
C THR C 219 -18.21 -5.68 4.68
N PRO C 220 -17.35 -4.82 5.24
CA PRO C 220 -16.77 -5.13 6.56
C PRO C 220 -17.79 -5.29 7.69
N LEU C 221 -19.05 -4.93 7.49
CA LEU C 221 -20.02 -4.97 8.58
C LEU C 221 -20.62 -6.36 8.83
N SER C 222 -20.44 -7.31 7.91
CA SER C 222 -21.14 -8.59 7.99
C SER C 222 -20.48 -9.58 7.04
N SER C 223 -20.55 -10.86 7.41
CA SER C 223 -20.01 -11.89 6.53
C SER C 223 -20.95 -12.24 5.39
N THR C 224 -22.24 -11.95 5.50
CA THR C 224 -23.20 -12.26 4.45
C THR C 224 -23.96 -11.00 4.07
N VAL C 225 -24.65 -11.09 2.93
CA VAL C 225 -25.46 -9.99 2.40
C VAL C 225 -26.71 -10.58 1.76
N THR C 226 -27.78 -9.80 1.73
CA THR C 226 -29.06 -10.26 1.21
C THR C 226 -29.48 -9.41 0.03
N LEU C 227 -29.76 -10.06 -1.10
CA LEU C 227 -30.22 -9.40 -2.30
C LEU C 227 -31.70 -9.71 -2.49
N SER C 228 -32.49 -8.67 -2.73
CA SER C 228 -33.94 -8.81 -2.85
C SER C 228 -34.39 -8.20 -4.16
N MET C 229 -35.11 -8.98 -4.95
CA MET C 229 -35.49 -8.55 -6.29
C MET C 229 -36.93 -8.97 -6.56
N SER C 230 -37.54 -8.24 -7.48
CA SER C 230 -38.78 -8.71 -8.08
C SER C 230 -38.89 -8.03 -9.43
N ALA C 231 -39.76 -8.55 -10.27
CA ALA C 231 -39.86 -8.00 -11.61
C ALA C 231 -40.14 -6.48 -11.55
N ASP C 232 -39.33 -5.74 -12.28
CA ASP C 232 -39.34 -4.31 -12.62
C ASP C 232 -39.24 -3.42 -11.35
N VAL C 233 -38.68 -3.90 -10.25
CA VAL C 233 -38.64 -3.13 -9.00
C VAL C 233 -37.21 -2.99 -8.50
N PRO C 234 -36.88 -1.93 -7.74
CA PRO C 234 -35.49 -1.73 -7.28
C PRO C 234 -34.93 -2.89 -6.49
N LEU C 235 -33.63 -3.13 -6.67
CA LEU C 235 -32.90 -4.08 -5.85
C LEU C 235 -32.76 -3.56 -4.42
N VAL C 236 -32.73 -4.49 -3.47
CA VAL C 236 -32.38 -4.20 -2.09
C VAL C 236 -31.15 -5.01 -1.71
N VAL C 237 -30.14 -4.33 -1.17
CA VAL C 237 -28.94 -4.97 -0.65
C VAL C 237 -28.87 -4.63 0.84
N GLU C 238 -28.87 -5.66 1.70
CA GLU C 238 -28.92 -5.45 3.15
C GLU C 238 -27.80 -6.17 3.89
N TYR C 239 -27.09 -5.44 4.75
CA TYR C 239 -26.10 -5.98 5.67
C TYR C 239 -26.59 -5.84 7.10
N LYS C 240 -26.66 -6.96 7.83
CA LYS C 240 -27.01 -6.90 9.24
CA LYS C 240 -27.01 -6.91 9.24
C LYS C 240 -25.83 -6.38 10.05
N ILE C 241 -26.09 -5.39 10.90
CA ILE C 241 -25.09 -4.88 11.83
C ILE C 241 -25.30 -5.62 13.14
N ALA C 242 -24.21 -5.84 13.88
CA ALA C 242 -23.94 -7.12 14.54
C ALA C 242 -25.20 -7.76 15.09
N ASP C 243 -25.82 -7.15 16.09
CA ASP C 243 -27.17 -7.57 16.48
C ASP C 243 -28.02 -6.36 16.84
N MET C 244 -27.58 -5.16 16.43
CA MET C 244 -28.28 -3.93 16.75
C MET C 244 -29.06 -3.35 15.58
N GLY C 245 -28.72 -3.68 14.34
CA GLY C 245 -29.50 -3.12 13.26
C GLY C 245 -29.04 -3.54 11.88
N HIS C 246 -29.19 -2.66 10.90
CA HIS C 246 -28.90 -3.03 9.52
C HIS C 246 -28.49 -1.80 8.71
N LEU C 247 -28.04 -2.08 7.49
CA LEU C 247 -27.73 -1.05 6.50
C LEU C 247 -28.33 -1.54 5.19
N LYS C 248 -29.41 -0.90 4.77
CA LYS C 248 -30.16 -1.28 3.59
C LYS C 248 -29.84 -0.33 2.44
N TYR C 249 -29.70 -0.88 1.23
CA TYR C 249 -29.52 -0.07 0.04
C TYR C 249 -30.55 -0.40 -1.04
N TYR C 250 -31.13 0.64 -1.63
CA TYR C 250 -32.05 0.51 -2.76
C TYR C 250 -31.37 0.99 -4.03
N LEU C 251 -31.59 0.26 -5.12
CA LEU C 251 -31.01 0.63 -6.41
C LEU C 251 -32.06 0.41 -7.47
N ALA C 252 -32.45 1.50 -8.14
CA ALA C 252 -33.44 1.40 -9.21
C ALA C 252 -32.87 0.62 -10.39
N PRO C 253 -33.73 -0.06 -11.15
CA PRO C 253 -33.24 -0.84 -12.29
C PRO C 253 -32.96 0.08 -13.48
N LYS C 254 -32.37 -0.50 -14.50
CA LYS C 254 -32.16 0.14 -15.79
C LYS C 254 -32.96 -0.62 -16.84
N ILE C 255 -33.74 0.13 -17.61
CA ILE C 255 -34.51 -0.40 -18.75
C ILE C 255 -33.58 -0.85 -19.86
N GLY D 4 -30.39 4.44 -20.04
CA GLY D 4 -31.74 4.73 -19.62
C GLY D 4 -31.99 4.32 -18.18
N GLN D 5 -31.19 4.85 -17.25
CA GLN D 5 -31.33 4.50 -15.84
C GLN D 5 -32.56 5.19 -15.29
N LEU D 6 -33.42 4.42 -14.61
CA LEU D 6 -34.55 5.01 -13.93
C LEU D 6 -34.12 5.59 -12.60
N THR D 7 -34.88 6.56 -12.12
CA THR D 7 -34.72 7.07 -10.77
C THR D 7 -35.71 6.36 -9.86
N LEU D 8 -35.41 6.40 -8.56
CA LEU D 8 -36.32 5.80 -7.60
C LEU D 8 -37.69 6.46 -7.61
N LEU D 9 -37.76 7.76 -7.95
CA LEU D 9 -39.05 8.42 -8.05
C LEU D 9 -39.88 7.86 -9.20
N GLN D 10 -39.24 7.21 -10.16
CA GLN D 10 -39.93 6.52 -11.26
C GLN D 10 -40.31 5.09 -10.91
N CYS D 11 -40.07 4.66 -9.67
CA CYS D 11 -40.46 3.33 -9.20
C CYS D 11 -41.41 3.40 -8.01
N GLY D 12 -42.06 4.54 -7.82
CA GLY D 12 -43.01 4.73 -6.75
C GLY D 12 -42.46 5.33 -5.48
N PHE D 13 -41.17 5.70 -5.43
CA PHE D 13 -40.58 6.31 -4.25
C PHE D 13 -40.82 7.82 -4.25
N SER D 14 -40.61 8.43 -3.08
CA SER D 14 -40.70 9.88 -2.96
C SER D 14 -39.61 10.41 -2.01
N MET E 1 41.63 8.77 6.18
CA MET E 1 40.99 7.47 6.35
C MET E 1 40.01 7.44 7.51
N PHE E 2 38.74 7.28 7.16
CA PHE E 2 37.66 7.05 8.11
C PHE E 2 36.94 5.78 7.71
N GLU E 3 36.63 4.93 8.68
CA GLU E 3 35.93 3.69 8.39
C GLU E 3 35.20 3.24 9.64
N ALA E 4 33.91 2.99 9.50
CA ALA E 4 33.06 2.59 10.61
C ALA E 4 32.17 1.44 10.16
N ARG E 5 32.24 0.33 10.87
CA ARG E 5 31.49 -0.86 10.54
C ARG E 5 30.28 -0.93 11.47
N LEU E 6 29.10 -1.05 10.88
CA LEU E 6 27.89 -1.11 11.67
C LEU E 6 27.19 -2.41 11.32
N VAL E 7 27.11 -3.33 12.28
CA VAL E 7 26.51 -4.62 11.98
C VAL E 7 25.02 -4.47 11.76
N GLN E 8 24.31 -3.91 12.75
CA GLN E 8 22.88 -3.68 12.61
C GLN E 8 22.71 -2.43 11.75
N GLY E 9 22.85 -2.64 10.44
CA GLY E 9 22.85 -1.54 9.49
C GLY E 9 21.53 -0.81 9.38
N SER E 10 20.42 -1.46 9.76
CA SER E 10 19.12 -0.81 9.70
C SER E 10 19.12 0.51 10.46
N ILE E 11 20.01 0.66 11.44
CA ILE E 11 20.10 1.92 12.17
C ILE E 11 20.39 3.08 11.22
N LEU E 12 21.40 2.93 10.37
CA LEU E 12 21.73 4.00 9.43
C LEU E 12 20.58 4.27 8.48
N LYS E 13 19.94 3.20 7.99
CA LYS E 13 18.77 3.37 7.14
C LYS E 13 17.70 4.21 7.83
N LYS E 14 17.42 3.89 9.11
CA LYS E 14 16.40 4.60 9.86
C LYS E 14 16.81 6.04 10.18
N VAL E 15 18.08 6.24 10.53
CA VAL E 15 18.55 7.58 10.89
C VAL E 15 18.34 8.52 9.73
N LEU E 16 18.71 8.09 8.53
CA LEU E 16 18.53 8.95 7.37
C LEU E 16 17.06 9.16 7.02
N GLU E 17 16.21 8.16 7.27
CA GLU E 17 14.78 8.40 7.11
C GLU E 17 14.29 9.45 8.11
N ALA E 18 14.89 9.48 9.30
CA ALA E 18 14.50 10.48 10.29
C ALA E 18 15.03 11.87 9.97
N LEU E 19 16.00 11.99 9.06
CA LEU E 19 16.62 13.28 8.75
C LEU E 19 16.22 13.88 7.42
N LYS E 20 16.05 13.05 6.38
CA LYS E 20 15.87 13.55 5.03
C LYS E 20 14.64 14.46 4.91
N ASP E 21 13.58 14.16 5.65
CA ASP E 21 12.35 14.93 5.50
C ASP E 21 12.51 16.34 6.08
N LEU E 22 13.43 16.51 7.02
CA LEU E 22 13.63 17.79 7.68
C LEU E 22 14.81 18.56 7.12
N ILE E 23 15.88 17.86 6.74
CA ILE E 23 17.14 18.46 6.30
C ILE E 23 17.53 17.85 4.96
N ASN E 24 17.64 18.68 3.92
CA ASN E 24 18.07 18.13 2.64
C ASN E 24 19.58 17.90 2.60
N GLU E 25 20.36 18.70 3.33
CA GLU E 25 21.82 18.65 3.25
C GLU E 25 22.43 19.07 4.58
N ALA E 26 23.43 18.30 5.05
CA ALA E 26 24.00 18.55 6.37
C ALA E 26 25.45 18.07 6.40
N CYS E 27 26.13 18.39 7.50
CA CYS E 27 27.56 18.20 7.64
C CYS E 27 27.86 17.25 8.80
N TRP E 28 28.50 16.12 8.50
CA TRP E 28 28.82 15.09 9.48
C TRP E 28 30.19 15.38 10.09
N ASP E 29 30.22 15.60 11.41
CA ASP E 29 31.48 15.82 12.13
C ASP E 29 31.95 14.48 12.69
N ILE E 30 32.90 13.87 12.00
CA ILE E 30 33.49 12.61 12.43
C ILE E 30 34.74 12.87 13.26
N SER E 31 34.91 12.10 14.32
CA SER E 31 36.07 12.22 15.18
C SER E 31 36.35 10.85 15.79
N SER E 32 37.35 10.82 16.67
CA SER E 32 37.63 9.57 17.37
C SER E 32 36.48 9.20 18.30
N SER E 33 35.70 10.19 18.74
CA SER E 33 34.62 9.93 19.68
C SER E 33 33.36 9.42 18.99
N GLY E 34 33.21 9.68 17.70
CA GLY E 34 32.11 9.15 16.92
C GLY E 34 31.65 10.17 15.90
N VAL E 35 30.43 9.98 15.43
CA VAL E 35 29.84 10.86 14.43
C VAL E 35 28.83 11.76 15.11
N ASN E 36 28.71 12.99 14.61
CA ASN E 36 27.97 14.04 15.29
C ASN E 36 27.39 14.97 14.22
N LEU E 37 26.11 15.29 14.34
CA LEU E 37 25.44 16.09 13.31
C LEU E 37 24.48 17.07 13.94
N GLN E 38 24.59 18.34 13.54
CA GLN E 38 23.68 19.40 13.95
C GLN E 38 23.32 20.24 12.74
N SER E 39 22.05 20.62 12.67
CA SER E 39 21.56 21.43 11.57
C SER E 39 20.18 21.96 11.92
N MET E 40 19.90 23.22 11.55
CA MET E 40 18.53 23.70 11.53
C MET E 40 17.94 23.53 10.14
N ASP E 41 16.61 23.48 10.07
CA ASP E 41 15.96 23.45 8.78
C ASP E 41 16.02 24.83 8.15
N SER E 42 15.50 24.94 6.92
CA SER E 42 15.63 26.16 6.14
C SER E 42 15.00 27.36 6.86
N SER E 43 13.90 27.14 7.57
CA SER E 43 13.17 28.24 8.21
CA SER E 43 13.17 28.24 8.21
C SER E 43 13.69 28.56 9.61
N HIS E 44 14.73 27.87 10.08
CA HIS E 44 15.37 28.19 11.37
C HIS E 44 14.42 28.00 12.55
N VAL E 45 13.42 27.14 12.41
CA VAL E 45 12.41 26.94 13.44
C VAL E 45 12.70 25.70 14.28
N SER E 46 13.39 24.74 13.69
CA SER E 46 13.73 23.52 14.40
C SER E 46 15.20 23.21 14.23
N LEU E 47 15.68 22.32 15.08
CA LEU E 47 17.07 21.90 15.06
C LEU E 47 17.11 20.41 15.36
N VAL E 48 17.91 19.67 14.61
CA VAL E 48 18.08 18.25 14.83
C VAL E 48 19.53 17.98 15.18
N GLN E 49 19.74 17.14 16.18
CA GLN E 49 21.09 16.81 16.61
C GLN E 49 21.24 15.30 16.66
N LEU E 50 22.20 14.77 15.90
CA LEU E 50 22.47 13.34 15.84
C LEU E 50 23.79 13.06 16.54
N THR E 51 23.82 11.99 17.34
CA THR E 51 25.02 11.55 18.04
C THR E 51 25.10 10.04 17.92
N LEU E 52 26.21 9.55 17.38
CA LEU E 52 26.48 8.12 17.29
C LEU E 52 27.86 7.87 17.86
N ARG E 53 27.92 7.30 19.07
CA ARG E 53 29.20 7.04 19.70
C ARG E 53 29.94 5.91 18.98
N SER E 54 31.25 6.06 18.84
CA SER E 54 32.04 5.05 18.14
C SER E 54 31.97 3.69 18.82
N GLU E 55 31.71 3.66 20.13
CA GLU E 55 31.62 2.41 20.86
C GLU E 55 30.45 1.55 20.38
N GLY E 56 29.40 2.18 19.84
CA GLY E 56 28.27 1.45 19.32
C GLY E 56 28.51 0.77 17.99
N PHE E 57 29.65 1.05 17.36
CA PHE E 57 30.06 0.37 16.14
C PHE E 57 30.88 -0.87 16.50
N ASP E 58 30.90 -1.84 15.58
CA ASP E 58 31.74 -3.00 15.82
CA ASP E 58 31.72 -3.04 15.71
C ASP E 58 33.17 -2.79 15.36
N THR E 59 33.44 -1.76 14.57
CA THR E 59 34.79 -1.36 14.18
C THR E 59 34.75 0.15 13.96
N TYR E 60 35.78 0.85 14.41
CA TYR E 60 35.82 2.29 14.19
C TYR E 60 37.26 2.78 14.14
N ARG E 61 37.58 3.52 13.08
CA ARG E 61 38.87 4.19 12.98
C ARG E 61 38.65 5.58 12.39
N CYS E 62 39.39 6.55 12.90
CA CYS E 62 39.28 7.93 12.43
C CYS E 62 40.59 8.64 12.72
N ASP E 63 41.42 8.76 11.68
CA ASP E 63 42.76 9.30 11.85
C ASP E 63 42.72 10.79 12.19
N ARG E 64 42.19 11.61 11.28
CA ARG E 64 41.93 13.00 11.55
C ARG E 64 40.43 13.26 11.66
N ASN E 65 40.08 14.33 12.37
CA ASN E 65 38.72 14.84 12.31
C ASN E 65 38.34 15.18 10.88
N LEU E 66 37.12 14.83 10.49
CA LEU E 66 36.62 15.22 9.18
C LEU E 66 35.28 15.92 9.35
N ALA E 67 34.84 16.58 8.27
CA ALA E 67 33.56 17.28 8.23
C ALA E 67 33.04 17.10 6.80
N MET E 68 32.20 16.07 6.62
CA MET E 68 31.68 15.72 5.31
C MET E 68 30.33 16.40 5.08
N GLY E 69 30.25 17.22 4.04
CA GLY E 69 28.98 17.72 3.60
C GLY E 69 28.32 16.74 2.65
N VAL E 70 27.14 16.26 3.00
CA VAL E 70 26.44 15.25 2.21
C VAL E 70 25.02 15.71 1.93
N ASN E 71 24.58 15.54 0.69
CA ASN E 71 23.17 15.63 0.35
C ASN E 71 22.44 14.44 0.97
N LEU E 72 21.66 14.72 2.01
CA LEU E 72 20.98 13.64 2.73
C LEU E 72 19.97 12.93 1.86
N THR E 73 19.33 13.65 0.92
CA THR E 73 18.40 13.00 0.01
C THR E 73 19.12 11.94 -0.82
N SER E 74 20.33 12.28 -1.31
CA SER E 74 21.13 11.30 -2.04
C SER E 74 21.57 10.14 -1.14
N MET E 75 22.02 10.43 0.08
CA MET E 75 22.48 9.35 0.95
C MET E 75 21.31 8.46 1.38
N SER E 76 20.14 9.06 1.63
CA SER E 76 18.97 8.24 1.93
C SER E 76 18.66 7.32 0.76
N LYS E 77 18.74 7.84 -0.47
CA LYS E 77 18.39 7.06 -1.64
C LYS E 77 19.36 5.89 -1.83
N ILE E 78 20.63 6.10 -1.49
CA ILE E 78 21.61 5.01 -1.56
C ILE E 78 21.32 3.98 -0.47
N LEU E 79 21.02 4.43 0.75
CA LEU E 79 20.76 3.49 1.83
C LEU E 79 19.50 2.67 1.60
N LYS E 80 18.57 3.14 0.78
CA LYS E 80 17.41 2.31 0.46
C LYS E 80 17.79 1.11 -0.39
N CYS E 81 18.98 1.11 -0.99
CA CYS E 81 19.46 -0.07 -1.68
C CYS E 81 20.04 -1.11 -0.74
N ALA E 82 20.18 -0.81 0.55
CA ALA E 82 20.71 -1.75 1.51
C ALA E 82 19.58 -2.55 2.13
N GLY E 83 19.82 -3.85 2.31
CA GLY E 83 18.86 -4.68 3.01
C GLY E 83 18.80 -4.32 4.47
N ASN E 84 17.75 -4.82 5.14
CA ASN E 84 17.53 -4.46 6.54
C ASN E 84 18.48 -5.21 7.46
N GLU E 85 18.91 -6.39 7.04
CA GLU E 85 19.88 -7.17 7.80
C GLU E 85 21.29 -7.07 7.24
N ASP E 86 21.57 -6.05 6.43
CA ASP E 86 22.91 -5.92 5.89
C ASP E 86 23.82 -5.27 6.93
N ILE E 87 25.11 -5.54 6.80
CA ILE E 87 26.09 -4.85 7.62
C ILE E 87 26.71 -3.76 6.76
N ILE E 88 26.76 -2.55 7.30
CA ILE E 88 26.98 -1.34 6.53
C ILE E 88 28.28 -0.69 7.00
N THR E 89 29.15 -0.36 6.05
CA THR E 89 30.40 0.32 6.34
C THR E 89 30.41 1.68 5.64
N LEU E 90 30.67 2.72 6.42
CA LEU E 90 30.94 4.03 5.87
C LEU E 90 32.45 4.20 5.75
N ARG E 91 32.91 4.65 4.59
CA ARG E 91 34.33 4.71 4.34
C ARG E 91 34.65 5.95 3.53
N ALA E 92 35.75 6.61 3.86
CA ALA E 92 36.20 7.82 3.18
C ALA E 92 37.72 7.93 3.31
N GLU E 93 38.35 8.51 2.29
CA GLU E 93 39.81 8.59 2.23
C GLU E 93 40.28 9.89 1.61
N ASP E 97 36.69 13.34 -1.24
CA ASP E 97 35.52 14.09 -1.70
C ASP E 97 34.38 13.14 -2.09
N THR E 98 34.57 11.86 -1.82
CA THR E 98 33.57 10.85 -2.07
C THR E 98 33.31 10.11 -0.76
N LEU E 99 32.08 9.66 -0.56
CA LEU E 99 31.72 8.85 0.59
C LEU E 99 31.33 7.46 0.10
N ALA E 100 32.13 6.47 0.46
CA ALA E 100 31.82 5.09 0.12
C ALA E 100 30.89 4.49 1.16
N LEU E 101 29.95 3.68 0.69
CA LEU E 101 29.08 2.92 1.56
C LEU E 101 29.06 1.49 1.05
N VAL E 102 29.37 0.53 1.93
CA VAL E 102 29.53 -0.86 1.52
C VAL E 102 28.49 -1.69 2.27
N PHE E 103 27.68 -2.42 1.50
CA PHE E 103 26.56 -3.18 2.03
C PHE E 103 26.86 -4.66 1.86
N GLU E 104 27.13 -5.35 2.95
CA GLU E 104 27.39 -6.78 2.95
C GLU E 104 26.11 -7.53 3.29
N ALA E 105 25.61 -8.33 2.36
CA ALA E 105 24.51 -9.23 2.64
C ALA E 105 24.90 -10.19 3.77
N PRO E 106 23.96 -10.58 4.63
N PRO E 106 23.92 -10.73 4.51
CA PRO E 106 24.34 -11.32 5.84
CA PRO E 106 24.24 -11.69 5.57
C PRO E 106 24.58 -12.80 5.58
C PRO E 106 25.00 -12.92 5.08
N ASN E 107 23.83 -13.37 4.63
N ASN E 107 24.91 -13.25 3.80
CA ASN E 107 23.89 -14.79 4.35
CA ASN E 107 25.53 -14.47 3.27
C ASN E 107 24.84 -15.13 3.21
C ASN E 107 27.04 -14.35 3.16
N GLN E 108 24.80 -14.35 2.14
N GLN E 108 27.55 -13.16 2.88
CA GLN E 108 25.44 -14.72 0.88
CA GLN E 108 28.93 -12.81 2.52
C GLN E 108 26.81 -14.08 0.74
C GLN E 108 29.23 -13.09 1.05
N GLU E 109 27.43 -14.28 -0.42
N GLU E 109 28.28 -13.64 0.28
CA GLU E 109 28.68 -13.65 -0.80
CA GLU E 109 28.48 -13.87 -1.14
C GLU E 109 28.45 -12.40 -1.66
C GLU E 109 28.01 -12.70 -2.00
N LYS E 110 27.33 -11.71 -1.42
CA LYS E 110 26.95 -10.49 -2.12
C LYS E 110 27.56 -9.30 -1.41
N VAL E 111 28.21 -8.42 -2.18
CA VAL E 111 28.81 -7.20 -1.62
C VAL E 111 28.50 -6.04 -2.55
N SER E 112 28.13 -4.92 -1.96
CA SER E 112 27.66 -3.76 -2.71
C SER E 112 28.48 -2.55 -2.31
N ASP E 113 28.92 -1.80 -3.32
CA ASP E 113 29.81 -0.66 -3.16
C ASP E 113 29.12 0.54 -3.81
N TYR E 114 28.87 1.59 -3.03
CA TYR E 114 28.28 2.81 -3.57
C TYR E 114 29.19 3.99 -3.26
N GLU E 115 29.46 4.80 -4.27
CA GLU E 115 30.29 5.99 -4.07
C GLU E 115 29.40 7.21 -4.28
N MET E 116 29.17 7.93 -3.21
CA MET E 116 28.31 9.10 -3.23
C MET E 116 29.20 10.32 -3.33
N LYS E 117 28.86 11.23 -4.24
CA LYS E 117 29.61 12.46 -4.35
C LYS E 117 29.30 13.32 -3.13
N LEU E 118 30.30 14.05 -2.66
CA LEU E 118 30.09 14.95 -1.53
C LEU E 118 29.86 16.37 -2.05
N MET E 119 29.43 17.24 -1.14
CA MET E 119 29.20 18.63 -1.46
C MET E 119 29.89 19.53 -0.44
N ASP E 120 30.26 20.73 -0.88
CA ASP E 120 30.95 21.70 -0.04
CA ASP E 120 30.95 21.70 -0.05
C ASP E 120 29.93 22.61 0.62
N LEU E 121 29.97 22.68 1.95
CA LEU E 121 29.00 23.41 2.75
C LEU E 121 29.69 24.46 3.60
N ASP E 122 28.93 25.48 3.98
CA ASP E 122 29.46 26.43 4.94
C ASP E 122 29.33 25.79 6.31
N VAL E 123 30.45 25.53 6.95
CA VAL E 123 30.40 25.09 8.34
C VAL E 123 29.88 26.27 9.13
N GLU E 124 28.81 26.06 9.89
CA GLU E 124 28.29 27.15 10.70
C GLU E 124 27.90 26.63 12.07
N GLN E 125 28.69 27.03 13.06
CA GLN E 125 28.50 26.64 14.45
C GLN E 125 27.16 27.13 15.01
N LEU E 126 26.40 26.19 15.58
CA LEU E 126 25.12 26.52 16.21
C LEU E 126 25.33 26.72 17.71
N GLY E 127 24.80 27.82 18.23
CA GLY E 127 24.83 28.03 19.66
C GLY E 127 23.58 27.50 20.33
N ILE E 128 23.70 26.44 21.13
CA ILE E 128 22.60 25.95 21.93
C ILE E 128 22.67 26.63 23.29
N PRO E 129 21.71 27.47 23.64
CA PRO E 129 21.74 28.14 24.93
C PRO E 129 21.54 27.15 26.05
N GLU E 130 21.95 27.52 27.26
CA GLU E 130 21.86 26.47 28.25
C GLU E 130 20.52 26.62 28.95
N GLN E 131 19.90 25.49 29.24
CA GLN E 131 18.47 25.51 29.56
C GLN E 131 18.10 24.34 30.44
N GLU E 132 17.31 24.61 31.48
CA GLU E 132 16.76 23.55 32.32
C GLU E 132 15.25 23.48 32.18
N TYR E 133 14.72 22.26 32.16
CA TYR E 133 13.34 22.02 31.80
C TYR E 133 12.50 21.69 33.04
N SER E 134 11.35 22.36 33.16
CA SER E 134 10.41 22.09 34.23
C SER E 134 9.81 20.70 34.11
N CYS E 135 9.30 20.38 32.92
CA CYS E 135 8.45 19.23 32.66
C CYS E 135 9.18 18.24 31.77
N VAL E 136 9.17 16.97 32.16
CA VAL E 136 9.71 15.90 31.32
C VAL E 136 8.67 14.79 31.19
N VAL E 137 8.33 14.44 29.95
CA VAL E 137 7.33 13.42 29.67
C VAL E 137 8.01 12.29 28.92
N LYS E 138 7.82 11.08 29.42
CA LYS E 138 8.32 9.88 28.79
C LYS E 138 7.11 9.02 28.45
N MET E 139 7.05 8.55 27.22
CA MET E 139 5.82 7.94 26.71
C MET E 139 6.18 7.09 25.52
N PRO E 140 5.30 6.15 25.15
CA PRO E 140 5.59 5.30 23.98
C PRO E 140 5.71 6.16 22.72
N SER E 141 6.77 5.91 21.95
CA SER E 141 6.99 6.63 20.71
C SER E 141 5.86 6.41 19.70
N GLY E 142 5.25 5.22 19.71
CA GLY E 142 4.18 4.95 18.77
C GLY E 142 2.93 5.77 19.04
N GLU E 143 2.64 6.05 20.30
CA GLU E 143 1.44 6.82 20.59
C GLU E 143 1.66 8.29 20.32
N PHE E 144 2.86 8.79 20.61
CA PHE E 144 3.17 10.18 20.27
C PHE E 144 3.02 10.41 18.78
N ALA E 145 3.48 9.46 17.95
CA ALA E 145 3.27 9.57 16.51
C ALA E 145 1.79 9.66 16.17
N ARG E 146 0.98 8.79 16.78
CA ARG E 146 -0.45 8.77 16.49
C ARG E 146 -1.14 10.05 16.95
N ILE E 147 -0.74 10.56 18.12
CA ILE E 147 -1.29 11.82 18.62
C ILE E 147 -1.03 12.94 17.62
N CYS E 148 0.23 13.09 17.19
CA CYS E 148 0.57 14.17 16.28
C CYS E 148 -0.11 13.98 14.94
N ARG E 149 -0.20 12.75 14.46
CA ARG E 149 -0.80 12.51 13.16
C ARG E 149 -2.30 12.80 13.20
N ASP E 150 -2.98 12.36 14.27
CA ASP E 150 -4.42 12.58 14.37
C ASP E 150 -4.76 14.07 14.47
N LEU E 151 -4.12 14.78 15.41
CA LEU E 151 -4.44 16.18 15.59
C LEU E 151 -4.08 16.99 14.36
N SER E 152 -3.17 16.51 13.53
CA SER E 152 -2.85 17.25 12.31
C SER E 152 -3.99 17.18 11.31
N HIS E 153 -4.90 16.21 11.44
CA HIS E 153 -6.14 16.20 10.68
C HIS E 153 -7.20 17.14 11.23
N ILE E 154 -6.91 17.84 12.32
CA ILE E 154 -7.85 18.77 12.92
C ILE E 154 -7.37 20.21 12.80
N GLY E 155 -6.09 20.46 13.09
CA GLY E 155 -5.54 21.78 13.05
C GLY E 155 -4.07 21.75 12.68
N ASP E 156 -3.49 22.94 12.57
CA ASP E 156 -2.09 23.08 12.22
CA ASP E 156 -2.09 23.10 12.22
C ASP E 156 -1.19 23.17 13.44
N ALA E 157 -1.75 23.45 14.61
CA ALA E 157 -0.96 23.62 15.80
C ALA E 157 -1.59 22.85 16.94
N VAL E 158 -0.74 22.40 17.84
CA VAL E 158 -1.16 21.62 18.99
C VAL E 158 -0.81 22.43 20.23
N VAL E 159 -1.74 22.50 21.18
CA VAL E 159 -1.49 23.13 22.47
C VAL E 159 -1.22 22.02 23.48
N ILE E 160 -0.02 22.03 24.07
CA ILE E 160 0.42 21.01 25.02
C ILE E 160 0.35 21.60 26.43
N SER E 161 -0.47 20.97 27.27
CA SER E 161 -0.62 21.35 28.68
C SER E 161 -0.19 20.18 29.55
N CYS E 162 0.95 20.31 30.23
CA CYS E 162 1.40 19.31 31.20
C CYS E 162 1.08 19.75 32.63
N ALA E 163 0.27 18.95 33.32
CA ALA E 163 0.09 18.98 34.77
C ALA E 163 0.65 17.71 35.38
N LYS E 164 0.84 17.72 36.71
CA LYS E 164 1.54 16.62 37.37
C LYS E 164 0.87 15.27 37.12
N ASP E 165 -0.45 15.24 37.01
CA ASP E 165 -1.17 13.97 36.88
C ASP E 165 -1.48 13.59 35.44
N GLY E 166 -1.20 14.44 34.46
CA GLY E 166 -1.56 14.14 33.10
C GLY E 166 -1.13 15.23 32.14
N VAL E 167 -1.06 14.86 30.86
CA VAL E 167 -0.69 15.77 29.78
C VAL E 167 -1.83 15.79 28.76
N LYS E 168 -2.09 16.97 28.18
CA LYS E 168 -3.18 17.18 27.23
C LYS E 168 -2.66 17.75 25.92
N PHE E 169 -3.15 17.21 24.80
CA PHE E 169 -2.82 17.71 23.48
C PHE E 169 -4.09 18.20 22.80
N SER E 170 -4.11 19.46 22.36
CA SER E 170 -5.32 20.07 21.80
C SER E 170 -5.05 20.73 20.45
N ALA E 171 -6.02 20.62 19.54
CA ALA E 171 -5.97 21.31 18.26
C ALA E 171 -7.38 21.76 17.86
N SER E 172 -7.43 22.82 17.03
CA SER E 172 -8.69 23.34 16.50
CA SER E 172 -8.68 23.39 16.51
C SER E 172 -8.57 23.62 15.01
N GLY E 173 -9.66 23.36 14.29
CA GLY E 173 -9.67 23.55 12.86
C GLY E 173 -11.06 23.80 12.30
N GLU E 174 -11.19 23.77 10.97
CA GLU E 174 -12.45 24.17 10.38
C GLU E 174 -13.54 23.12 10.54
N LEU E 175 -13.20 21.87 10.89
CA LEU E 175 -14.25 20.87 11.11
C LEU E 175 -14.49 20.58 12.59
N GLY E 176 -13.84 21.30 13.49
CA GLY E 176 -14.10 21.18 14.90
C GLY E 176 -12.79 21.24 15.65
N ASN E 177 -12.80 20.70 16.87
CA ASN E 177 -11.56 20.62 17.62
C ASN E 177 -11.55 19.37 18.49
N GLY E 178 -10.34 18.90 18.79
CA GLY E 178 -10.16 17.71 19.57
C GLY E 178 -9.02 17.87 20.56
N ASN E 179 -9.09 17.10 21.64
CA ASN E 179 -8.01 17.06 22.62
C ASN E 179 -7.77 15.60 23.02
N ILE E 180 -6.54 15.30 23.40
CA ILE E 180 -6.15 13.97 23.84
C ILE E 180 -5.49 14.07 25.21
N LYS E 181 -6.00 13.29 26.17
CA LYS E 181 -5.50 13.28 27.55
C LYS E 181 -4.78 11.96 27.82
N LEU E 182 -3.50 12.03 28.17
CA LEU E 182 -2.77 10.89 28.70
C LEU E 182 -2.57 11.05 30.20
N SER E 183 -2.86 10.00 30.94
CA SER E 183 -2.56 10.00 32.37
C SER E 183 -1.22 9.31 32.59
N GLN E 184 -0.55 9.70 33.66
CA GLN E 184 0.61 8.96 34.11
C GLN E 184 0.18 7.54 34.44
N THR E 185 0.93 6.57 33.94
CA THR E 185 0.69 5.18 34.29
C THR E 185 1.40 4.85 35.61
N SER E 186 1.17 3.63 36.08
CA SER E 186 1.95 3.02 37.15
C SER E 186 2.56 1.71 36.67
N ASN E 187 2.99 1.69 35.41
CA ASN E 187 3.32 0.45 34.72
C ASN E 187 4.65 0.56 33.97
N GLU E 191 6.16 -1.77 30.62
CA GLU E 191 7.57 -1.83 30.25
C GLU E 191 7.99 -0.61 29.45
N GLU E 192 7.68 -0.66 28.16
CA GLU E 192 7.99 0.41 27.22
C GLU E 192 6.73 1.05 26.66
N GLU E 193 5.56 0.70 27.21
CA GLU E 193 4.31 1.39 26.94
C GLU E 193 3.78 2.13 28.17
N ALA E 194 4.67 2.53 29.08
CA ALA E 194 4.31 3.34 30.23
C ALA E 194 4.38 4.82 29.87
N VAL E 195 3.65 5.64 30.64
CA VAL E 195 3.72 7.09 30.51
C VAL E 195 4.01 7.67 31.89
N THR E 196 5.15 8.35 32.03
CA THR E 196 5.55 8.92 33.31
C THR E 196 5.87 10.40 33.14
N ILE E 197 5.34 11.22 34.02
CA ILE E 197 5.57 12.66 33.99
C ILE E 197 6.34 13.04 35.26
N GLU E 198 7.37 13.86 35.08
CA GLU E 198 8.08 14.46 36.20
C GLU E 198 8.30 15.93 35.88
N MET E 199 7.57 16.77 36.60
CA MET E 199 7.42 18.18 36.29
C MET E 199 7.41 18.95 37.59
N ASN E 200 7.55 20.27 37.50
CA ASN E 200 7.46 21.08 38.70
C ASN E 200 6.08 21.74 38.84
N GLU E 201 5.70 22.60 37.91
CA GLU E 201 4.40 23.25 38.00
C GLU E 201 3.89 23.57 36.60
N PRO E 202 2.57 23.74 36.43
CA PRO E 202 1.97 23.55 35.09
C PRO E 202 2.61 24.40 34.01
N VAL E 203 2.62 23.83 32.81
CA VAL E 203 3.24 24.42 31.62
C VAL E 203 2.27 24.26 30.47
N GLN E 204 2.18 25.29 29.63
CA GLN E 204 1.37 25.20 28.42
C GLN E 204 2.11 25.81 27.23
N LEU E 205 2.25 25.05 26.15
CA LEU E 205 2.95 25.52 24.96
C LEU E 205 2.21 25.10 23.70
N THR E 206 2.42 25.89 22.65
CA THR E 206 1.79 25.69 21.35
C THR E 206 2.86 25.47 20.29
N PHE E 207 2.72 24.39 19.52
CA PHE E 207 3.71 24.03 18.52
C PHE E 207 3.02 23.68 17.20
N ALA E 208 3.82 23.73 16.13
CA ALA E 208 3.33 23.42 14.79
C ALA E 208 3.35 21.90 14.58
N LEU E 209 2.19 21.32 14.27
CA LEU E 209 2.15 19.88 14.02
C LEU E 209 2.99 19.52 12.80
N ARG E 210 3.16 20.44 11.86
CA ARG E 210 3.95 20.16 10.65
C ARG E 210 5.32 19.64 11.00
N TYR E 211 6.02 20.33 11.91
CA TYR E 211 7.37 19.91 12.26
C TYR E 211 7.35 18.65 13.12
N LEU E 212 6.37 18.53 14.02
CA LEU E 212 6.32 17.35 14.88
C LEU E 212 6.20 16.06 14.08
N ASN E 213 5.45 16.10 12.99
CA ASN E 213 5.35 14.89 12.18
C ASN E 213 6.63 14.61 11.40
N PHE E 214 7.48 15.61 11.19
CA PHE E 214 8.85 15.33 10.76
C PHE E 214 9.61 14.58 11.83
N PHE E 215 9.49 15.03 13.08
CA PHE E 215 10.26 14.44 14.17
C PHE E 215 9.91 12.97 14.31
N THR E 216 8.63 12.65 14.27
CA THR E 216 8.16 11.29 14.48
C THR E 216 8.57 10.32 13.36
N LYS E 217 9.22 10.80 12.29
CA LYS E 217 9.83 9.87 11.35
C LYS E 217 10.95 9.07 12.01
N ALA E 218 11.42 9.49 13.19
CA ALA E 218 12.41 8.77 13.99
C ALA E 218 11.80 7.67 14.86
N THR E 219 10.48 7.49 14.84
CA THR E 219 9.84 6.47 15.67
C THR E 219 10.42 5.06 15.55
N PRO E 220 10.83 4.56 14.39
CA PRO E 220 11.42 3.21 14.34
C PRO E 220 12.70 3.05 15.18
N LEU E 221 13.28 4.13 15.68
CA LEU E 221 14.55 4.08 16.40
C LEU E 221 14.41 3.72 17.87
N SER E 222 13.20 3.75 18.41
CA SER E 222 13.03 3.60 19.86
C SER E 222 11.56 3.32 20.16
N SER E 223 11.34 2.56 21.22
CA SER E 223 9.98 2.28 21.67
C SER E 223 9.40 3.43 22.48
N THR E 224 10.24 4.33 22.98
CA THR E 224 9.82 5.46 23.80
C THR E 224 10.36 6.76 23.22
N VAL E 225 9.82 7.87 23.71
CA VAL E 225 10.23 9.20 23.28
C VAL E 225 10.17 10.08 24.52
N THR E 226 11.02 11.10 24.54
CA THR E 226 11.13 11.96 25.71
C THR E 226 10.84 13.41 25.31
N LEU E 227 9.84 14.00 25.97
CA LEU E 227 9.47 15.38 25.74
C LEU E 227 9.94 16.22 26.92
N SER E 228 10.60 17.34 26.61
CA SER E 228 11.15 18.24 27.61
C SER E 228 10.62 19.63 27.33
N MET E 229 10.05 20.26 28.35
CA MET E 229 9.36 21.53 28.15
C MET E 229 9.68 22.49 29.28
N SER E 230 9.55 23.78 28.98
CA SER E 230 9.50 24.85 29.98
C SER E 230 8.80 26.05 29.36
N ALA E 231 8.36 26.97 30.21
CA ALA E 231 7.64 28.14 29.76
C ALA E 231 8.47 28.95 28.77
N ASP E 232 7.89 29.21 27.59
CA ASP E 232 8.45 30.09 26.55
C ASP E 232 9.81 29.64 26.03
N VAL E 233 10.11 28.34 26.12
CA VAL E 233 11.37 27.87 25.56
C VAL E 233 11.06 26.70 24.63
N PRO E 234 11.93 26.46 23.66
CA PRO E 234 11.67 25.39 22.68
C PRO E 234 11.45 24.02 23.32
N LEU E 235 10.59 23.25 22.67
CA LEU E 235 10.42 21.84 22.98
C LEU E 235 11.65 21.05 22.53
N VAL E 236 11.97 19.99 23.27
CA VAL E 236 12.94 18.99 22.85
C VAL E 236 12.25 17.65 22.82
N VAL E 237 12.34 16.95 21.68
CA VAL E 237 11.92 15.56 21.59
C VAL E 237 13.15 14.75 21.23
N GLU E 238 13.45 13.74 22.06
CA GLU E 238 14.67 12.97 21.90
C GLU E 238 14.36 11.49 21.80
N TYR E 239 14.91 10.85 20.78
CA TYR E 239 14.85 9.40 20.63
C TYR E 239 16.24 8.84 20.91
N LYS E 240 16.30 7.80 21.74
CA LYS E 240 17.56 7.15 22.06
CA LYS E 240 17.55 7.14 22.08
C LYS E 240 17.81 6.02 21.07
N ILE E 241 18.98 6.02 20.47
CA ILE E 241 19.41 4.97 19.56
C ILE E 241 20.20 3.95 20.37
N ALA E 242 20.11 2.68 19.94
CA ALA E 242 20.07 1.54 20.85
C ALA E 242 20.92 1.71 22.09
N ASP E 243 22.23 1.79 21.93
CA ASP E 243 23.12 2.19 23.02
C ASP E 243 24.24 3.06 22.48
N MET E 244 24.09 3.61 21.28
CA MET E 244 25.13 4.35 20.59
C MET E 244 25.00 5.84 20.75
N GLY E 245 23.78 6.34 20.89
CA GLY E 245 23.61 7.77 20.99
C GLY E 245 22.14 8.10 21.04
N HIS E 246 21.80 9.22 20.41
CA HIS E 246 20.44 9.74 20.46
C HIS E 246 20.21 10.54 19.20
N LEU E 247 18.97 10.97 19.04
CA LEU E 247 18.58 11.92 18.00
C LEU E 247 17.63 12.92 18.65
N LYS E 248 18.10 14.16 18.84
CA LYS E 248 17.33 15.24 19.48
C LYS E 248 16.72 16.16 18.43
N TYR E 249 15.49 16.61 18.67
CA TYR E 249 14.89 17.67 17.86
C TYR E 249 14.44 18.81 18.78
N TYR E 250 14.77 20.04 18.38
CA TYR E 250 14.33 21.24 19.07
C TYR E 250 13.27 21.92 18.23
N LEU E 251 12.24 22.44 18.88
CA LEU E 251 11.16 23.10 18.14
C LEU E 251 10.77 24.38 18.85
N ALA E 252 10.93 25.51 18.17
CA ALA E 252 10.51 26.78 18.75
C ALA E 252 8.98 26.85 18.85
N PRO E 253 8.47 27.54 19.87
CA PRO E 253 7.01 27.61 20.07
C PRO E 253 6.33 28.66 19.20
N LYS E 254 5.01 28.67 19.28
CA LYS E 254 4.16 29.68 18.67
C LYS E 254 3.54 30.52 19.77
N ILE E 255 3.20 31.76 19.45
CA ILE E 255 2.64 32.66 20.44
C ILE E 255 1.11 32.54 20.52
N PRO F 3 2.25 37.68 16.83
CA PRO F 3 3.69 37.39 16.73
C PRO F 3 3.97 36.13 15.94
N GLY F 4 3.03 35.19 15.98
CA GLY F 4 3.10 34.01 15.13
C GLY F 4 4.07 32.96 15.63
N GLN F 5 4.70 32.28 14.68
CA GLN F 5 5.70 31.27 14.98
C GLN F 5 7.05 31.94 15.23
N LEU F 6 7.70 31.58 16.33
CA LEU F 6 9.04 32.04 16.61
C LEU F 6 10.08 31.19 15.87
N THR F 7 11.25 31.77 15.62
CA THR F 7 12.41 31.00 15.20
C THR F 7 13.31 30.73 16.40
N LEU F 8 14.17 29.72 16.26
CA LEU F 8 15.10 29.40 17.32
C LEU F 8 16.04 30.58 17.60
N LEU F 9 16.32 31.42 16.59
CA LEU F 9 17.13 32.61 16.83
C LEU F 9 16.42 33.62 17.73
N GLN F 10 15.10 33.56 17.80
CA GLN F 10 14.33 34.39 18.70
C GLN F 10 14.14 33.76 20.07
N CYS F 11 14.76 32.59 20.30
CA CYS F 11 14.70 31.90 21.58
C CYS F 11 16.08 31.70 22.19
N GLY F 12 17.03 32.53 21.77
CA GLY F 12 18.36 32.51 22.34
C GLY F 12 19.36 31.61 21.66
N PHE F 13 18.99 30.97 20.55
CA PHE F 13 19.89 30.11 19.79
C PHE F 13 20.69 30.94 18.80
N SER F 14 21.71 30.31 18.22
CA SER F 14 22.56 30.93 17.19
C SER F 14 22.85 29.95 16.06
#